data_3NOW
#
_entry.id   3NOW
#
_cell.length_a   184.079
_cell.length_b   184.079
_cell.length_c   184.079
_cell.angle_alpha   90.00
_cell.angle_beta   90.00
_cell.angle_gamma   90.00
#
_symmetry.space_group_name_H-M   'P 2 3'
#
_entity_poly.entity_id   1
_entity_poly.type   'polypeptide(L)'
_entity_poly.pdbx_seq_one_letter_code
;NAKTSTKVKQMMDLTFDLATPIDKRRAAANNLVVLAKEQTGAELLYKDHCIAKVASLTKVEKDQDIYVNMVHLVAALCEN
SVERTKGVLTELGVPWFMRVLDQKHENCVSTAQFCLQTILNALSGLKNKPDSKPDKELCTRNNREIDTLLTCLVYSITDR
TISGAARDGVIELITRNVHYTALEWAERLVEIRGLCRLLDVCSELEDYKYESAMDITGSSSTIASVCLARIYENMYYDEA
KARFTDQIDEYIKDKLLAPDMESKVRVTVAITALLNGPLDVGNQVVAREGILQMILAMATTDDELQQRVACECLIAASSK
KDKAKALCEQGVDILKRLYHSKNDGIRVRALVGLCKLGSYGGQDAAIRPFGDGAALKLAEACRRFLIKPGKDKDIRRWAA
DGLAYLTLDAECKEKLIEDKASIHALMDLARGGNQSCLYGVVTTFVNLCNAYEKQEMLPEMIELAKFAKQHIPEEHELDD
VDFINKRITVLANEGITTALCALAKTESHNSQELIARVLNAVCGLKELRGKVVQEGGVKALLRMALEGTEKGKRHATQAL
ARIGITINPEVSFSGQRSLDVIRPLLNLLQQDCTALENFESLMALTNLASMNESVRQRIIKEQGVSKIEYYLMEDHLYLT
RAAAQCLCNLVMSEDVIKMFEGNNDRVKFLALLCEDEDEETATACAGALAIITSVSVKCCEKILAIASWLDILHTLIANP
SPAVQHRGIVIILNMINAGEEIAKKLFETDIMELLSGLGQLPDDTRAKAREVATQCLAAAERYRIIERSDNAEIPDVFAE
NSKISEIIDD
;
_entity_poly.pdbx_strand_id   A
#
# COMPACT_ATOMS: atom_id res chain seq x y z
N ASN A 1 3.69 35.79 20.27
CA ASN A 1 4.37 34.52 20.57
C ASN A 1 4.80 34.44 22.00
N ALA A 2 4.43 35.48 22.73
CA ALA A 2 4.69 35.56 24.17
C ALA A 2 4.44 34.20 24.86
N LYS A 3 3.22 33.68 24.66
CA LYS A 3 2.70 32.45 25.28
C LYS A 3 3.66 31.23 25.07
N THR A 4 3.77 30.83 23.80
CA THR A 4 4.52 29.65 23.36
C THR A 4 5.86 29.49 24.09
N SER A 5 6.70 30.52 23.93
CA SER A 5 7.97 30.63 24.62
C SER A 5 7.94 30.13 26.08
N THR A 6 6.97 30.59 26.85
CA THR A 6 6.89 30.24 28.26
C THR A 6 6.70 28.72 28.49
N LYS A 7 5.69 28.12 27.83
CA LYS A 7 5.41 26.67 27.93
C LYS A 7 6.64 25.86 27.56
N VAL A 8 7.25 26.27 26.46
CA VAL A 8 8.46 25.60 26.02
C VAL A 8 9.38 25.46 27.22
N LYS A 9 9.80 26.60 27.74
CA LYS A 9 10.69 26.62 28.91
C LYS A 9 10.13 25.82 30.10
N GLN A 10 8.82 25.93 30.37
CA GLN A 10 8.18 25.13 31.45
C GLN A 10 8.48 23.64 31.21
N MET A 11 8.24 23.18 29.97
CA MET A 11 8.38 21.76 29.61
C MET A 11 9.83 21.30 29.50
N MET A 12 10.63 22.02 28.72
CA MET A 12 12.08 21.82 28.70
C MET A 12 12.59 21.43 30.06
N ASP A 13 12.12 22.16 31.06
CA ASP A 13 12.61 22.04 32.42
C ASP A 13 12.09 20.77 33.05
N LEU A 14 10.78 20.69 33.22
CA LEU A 14 10.16 19.52 33.82
C LEU A 14 10.80 18.24 33.29
N THR A 15 11.00 18.21 31.98
CA THR A 15 11.50 17.05 31.25
C THR A 15 12.92 16.63 31.65
N PHE A 16 13.81 17.61 31.76
CA PHE A 16 15.23 17.35 31.93
C PHE A 16 15.72 17.22 33.40
N ASP A 17 14.99 17.77 34.36
CA ASP A 17 15.32 17.54 35.75
C ASP A 17 14.66 16.24 36.22
N LEU A 18 15.45 15.31 36.75
CA LEU A 18 14.93 14.00 37.18
C LEU A 18 14.07 14.02 38.45
N ALA A 19 13.72 15.21 38.93
CA ALA A 19 12.76 15.33 40.00
C ALA A 19 11.40 14.80 39.53
N THR A 20 10.70 15.63 38.77
CA THR A 20 9.42 15.26 38.14
C THR A 20 9.39 13.77 37.71
N PRO A 21 8.41 12.97 38.21
CA PRO A 21 8.30 11.50 38.06
C PRO A 21 7.55 10.96 36.80
N ILE A 22 6.25 10.71 36.94
CA ILE A 22 5.39 10.40 35.80
C ILE A 22 5.01 11.75 35.17
N ASP A 23 5.48 12.80 35.85
CA ASP A 23 5.38 14.18 35.37
C ASP A 23 6.34 14.38 34.21
N LYS A 24 7.46 13.67 34.25
CA LYS A 24 8.47 13.77 33.22
C LYS A 24 7.82 13.47 31.87
N ARG A 25 7.07 12.36 31.80
CA ARG A 25 6.52 11.89 30.54
C ARG A 25 5.51 12.85 29.96
N ARG A 26 4.67 13.42 30.83
CA ARG A 26 3.70 14.41 30.39
C ARG A 26 4.40 15.44 29.54
N ALA A 27 5.46 16.03 30.10
CA ALA A 27 6.25 17.05 29.42
C ALA A 27 6.79 16.55 28.10
N ALA A 28 7.34 15.35 28.10
CA ALA A 28 7.88 14.74 26.90
C ALA A 28 6.85 14.60 25.77
N ALA A 29 5.91 13.66 25.91
CA ALA A 29 4.88 13.41 24.90
C ALA A 29 4.26 14.72 24.42
N ASN A 30 4.30 15.72 25.31
CA ASN A 30 3.76 17.04 25.06
C ASN A 30 4.83 17.96 24.47
N ASN A 31 6.06 17.81 24.95
CA ASN A 31 7.17 18.53 24.37
C ASN A 31 7.09 18.36 22.88
N LEU A 32 7.38 17.15 22.42
CA LEU A 32 7.24 16.71 21.03
C LEU A 32 6.10 17.39 20.25
N VAL A 33 4.98 17.61 20.93
CA VAL A 33 3.80 18.27 20.36
C VAL A 33 4.08 19.67 19.84
N VAL A 34 4.63 20.50 20.72
CA VAL A 34 4.77 21.94 20.48
C VAL A 34 5.70 22.27 19.28
N LEU A 35 6.68 21.40 19.05
CA LEU A 35 7.55 21.52 17.90
C LEU A 35 6.82 21.19 16.63
N ALA A 36 5.98 20.16 16.72
CA ALA A 36 5.28 19.64 15.56
C ALA A 36 5.27 20.75 14.53
N LYS A 37 5.95 20.49 13.41
CA LYS A 37 6.14 21.44 12.31
C LYS A 37 6.29 22.91 12.75
N GLU A 38 5.29 23.42 13.47
CA GLU A 38 5.18 24.83 13.86
C GLU A 38 6.51 25.51 14.17
N GLN A 39 6.94 26.34 13.21
CA GLN A 39 8.25 26.95 13.19
C GLN A 39 8.51 27.74 14.47
N THR A 40 7.74 28.79 14.71
CA THR A 40 7.92 29.59 15.92
C THR A 40 7.93 28.69 17.16
N GLY A 41 7.61 27.42 16.97
CA GLY A 41 7.68 26.45 18.04
C GLY A 41 9.05 25.79 18.12
N ALA A 42 9.55 25.31 16.98
CA ALA A 42 10.86 24.65 16.92
C ALA A 42 12.00 25.63 17.09
N GLU A 43 11.94 26.74 16.35
CA GLU A 43 12.99 27.76 16.36
C GLU A 43 13.52 27.98 17.77
N LEU A 44 12.64 27.88 18.76
CA LEU A 44 13.02 28.15 20.14
C LEU A 44 13.77 27.03 20.82
N LEU A 45 13.18 25.83 20.79
CA LEU A 45 13.82 24.69 21.44
C LEU A 45 15.18 24.47 20.86
N TYR A 46 15.33 24.78 19.57
CA TYR A 46 16.65 24.73 18.97
C TYR A 46 17.52 25.77 19.68
N LYS A 47 17.01 27.00 19.75
CA LYS A 47 17.72 28.13 20.36
C LYS A 47 18.04 27.93 21.86
N ASP A 48 17.11 27.39 22.65
CA ASP A 48 17.42 27.06 24.05
C ASP A 48 18.16 25.75 24.18
N HIS A 49 19.01 25.48 23.20
CA HIS A 49 19.92 24.34 23.28
C HIS A 49 19.26 23.06 23.78
N CYS A 50 18.27 22.66 23.00
CA CYS A 50 17.45 21.50 23.29
C CYS A 50 18.19 20.26 22.78
N ILE A 51 18.74 20.37 21.57
CA ILE A 51 19.50 19.29 20.97
C ILE A 51 20.52 18.74 21.95
N ALA A 52 21.29 19.65 22.55
CA ALA A 52 22.25 19.29 23.58
C ALA A 52 21.62 18.53 24.74
N LYS A 53 20.53 19.08 25.29
CA LYS A 53 19.87 18.50 26.47
C LYS A 53 19.37 17.09 26.18
N VAL A 54 19.04 16.85 24.92
CA VAL A 54 18.54 15.54 24.49
C VAL A 54 19.69 14.55 24.44
N ALA A 55 20.85 15.04 24.01
CA ALA A 55 22.05 14.20 23.97
C ALA A 55 22.49 13.78 25.39
N SER A 56 22.28 14.66 26.37
CA SER A 56 22.56 14.32 27.77
C SER A 56 21.56 13.30 28.29
N LEU A 57 20.29 13.66 28.28
CA LEU A 57 19.24 12.83 28.85
C LEU A 57 19.22 11.39 28.31
N THR A 58 19.61 11.22 27.05
CA THR A 58 19.47 9.93 26.40
C THR A 58 20.46 8.85 26.83
N LYS A 59 21.70 9.22 27.16
CA LYS A 59 22.67 8.21 27.58
C LYS A 59 22.37 7.65 28.97
N VAL A 60 21.65 8.44 29.76
CA VAL A 60 21.30 8.04 31.12
C VAL A 60 19.88 7.48 31.19
N GLU A 61 18.99 8.07 30.39
CA GLU A 61 17.55 7.80 30.39
C GLU A 61 17.14 6.33 30.26
N LYS A 62 16.38 5.84 31.23
CA LYS A 62 16.02 4.42 31.28
C LYS A 62 14.55 4.15 30.93
N ASP A 63 13.68 5.15 31.11
CA ASP A 63 12.28 5.00 30.76
C ASP A 63 12.09 5.04 29.25
N GLN A 64 11.75 3.90 28.68
CA GLN A 64 11.64 3.77 27.23
C GLN A 64 10.64 4.75 26.60
N ASP A 65 9.63 5.19 27.35
CA ASP A 65 8.62 6.08 26.79
C ASP A 65 9.18 7.48 26.52
N ILE A 66 9.90 8.01 27.51
CA ILE A 66 10.47 9.35 27.41
C ILE A 66 11.58 9.33 26.37
N TYR A 67 12.35 8.25 26.39
CA TYR A 67 13.49 8.09 25.51
C TYR A 67 13.12 8.22 24.04
N VAL A 68 12.08 7.50 23.65
CA VAL A 68 11.61 7.56 22.28
C VAL A 68 11.13 8.96 21.94
N ASN A 69 10.23 9.52 22.75
CA ASN A 69 9.69 10.86 22.47
C ASN A 69 10.80 11.89 22.32
N MET A 70 11.97 11.57 22.88
CA MET A 70 13.17 12.39 22.72
C MET A 70 13.72 12.35 21.30
N VAL A 71 13.90 11.15 20.75
CA VAL A 71 14.35 11.03 19.38
C VAL A 71 13.33 11.67 18.43
N HIS A 72 12.04 11.46 18.67
CA HIS A 72 11.04 12.16 17.85
C HIS A 72 11.35 13.64 17.85
N LEU A 73 11.71 14.14 19.03
CA LEU A 73 12.03 15.55 19.23
C LEU A 73 13.11 16.02 18.26
N VAL A 74 14.17 15.22 18.15
CA VAL A 74 15.27 15.52 17.25
C VAL A 74 14.77 15.57 15.81
N ALA A 75 13.92 14.61 15.45
CA ALA A 75 13.35 14.56 14.11
C ALA A 75 12.49 15.79 13.82
N ALA A 76 11.59 16.11 14.77
CA ALA A 76 10.68 17.24 14.66
C ALA A 76 11.43 18.53 14.35
N LEU A 77 12.60 18.65 14.96
CA LEU A 77 13.45 19.82 14.80
C LEU A 77 14.13 19.90 13.43
N CYS A 78 14.63 18.77 12.94
CA CYS A 78 15.23 18.72 11.61
C CYS A 78 14.23 18.93 10.48
N GLU A 79 12.98 18.55 10.73
CA GLU A 79 11.96 18.50 9.67
C GLU A 79 11.88 19.79 8.87
N ASN A 80 12.15 19.67 7.57
CA ASN A 80 12.10 20.79 6.65
C ASN A 80 12.95 21.99 7.05
N SER A 81 14.08 21.73 7.70
CA SER A 81 15.05 22.78 8.06
C SER A 81 16.46 22.36 7.65
N VAL A 82 16.90 22.78 6.47
CA VAL A 82 18.24 22.44 6.04
C VAL A 82 19.19 22.81 7.16
N GLU A 83 18.88 23.96 7.78
CA GLU A 83 19.71 24.54 8.81
C GLU A 83 19.75 23.64 10.03
N ARG A 84 18.70 23.67 10.85
CA ARG A 84 18.66 22.82 12.03
C ARG A 84 19.12 21.39 11.71
N THR A 85 18.90 20.94 10.48
CA THR A 85 19.39 19.61 10.14
C THR A 85 20.93 19.61 10.10
N LYS A 86 21.52 20.42 9.21
CA LYS A 86 22.97 20.57 9.17
C LYS A 86 23.52 20.78 10.57
N GLY A 87 22.93 21.73 11.29
CA GLY A 87 23.30 22.01 12.66
C GLY A 87 23.27 20.79 13.54
N VAL A 88 22.20 20.00 13.43
CA VAL A 88 22.05 18.78 14.22
C VAL A 88 23.06 17.71 13.84
N LEU A 89 23.39 17.63 12.56
CA LEU A 89 24.35 16.64 12.08
C LEU A 89 25.73 16.87 12.67
N THR A 90 26.02 18.13 13.01
CA THR A 90 27.29 18.49 13.61
C THR A 90 27.34 18.18 15.11
N GLU A 91 26.29 18.56 15.83
CA GLU A 91 26.26 18.40 17.29
C GLU A 91 26.17 16.93 17.76
N LEU A 92 25.36 16.12 17.09
CA LEU A 92 25.46 14.68 17.26
C LEU A 92 25.98 14.20 15.93
N GLY A 93 26.65 13.05 15.91
CA GLY A 93 27.13 12.56 14.64
C GLY A 93 26.09 11.68 13.96
N VAL A 94 26.17 11.50 12.65
CA VAL A 94 25.34 10.47 12.03
C VAL A 94 25.38 9.24 12.91
N PRO A 95 26.55 8.90 13.46
CA PRO A 95 26.65 7.71 14.31
C PRO A 95 25.79 7.75 15.57
N TRP A 96 25.17 8.90 15.85
CA TRP A 96 24.37 9.01 17.06
C TRP A 96 23.03 8.36 16.82
N PHE A 97 22.54 8.52 15.59
CA PHE A 97 21.33 7.86 15.13
C PHE A 97 21.57 6.37 14.96
N MET A 98 22.72 6.05 14.37
CA MET A 98 23.11 4.66 14.17
C MET A 98 23.17 3.91 15.49
N ARG A 99 23.14 4.66 16.60
CA ARG A 99 23.11 4.04 17.91
C ARG A 99 21.68 3.85 18.41
N VAL A 100 20.80 4.77 18.03
CA VAL A 100 19.40 4.59 18.35
C VAL A 100 18.92 3.31 17.68
N LEU A 101 19.37 3.08 16.45
CA LEU A 101 19.09 1.84 15.73
C LEU A 101 19.48 0.60 16.53
N ASP A 102 20.68 0.62 17.08
CA ASP A 102 21.24 -0.55 17.76
C ASP A 102 20.80 -0.64 19.21
N GLN A 103 20.14 0.38 19.73
CA GLN A 103 19.50 0.21 21.03
C GLN A 103 18.58 -1.00 20.94
N LYS A 104 18.69 -1.90 21.89
CA LYS A 104 18.04 -3.19 21.75
C LYS A 104 16.69 -3.20 22.49
N HIS A 105 16.08 -2.03 22.62
CA HIS A 105 14.74 -1.91 23.22
C HIS A 105 13.70 -1.44 22.22
N GLU A 106 12.44 -1.48 22.63
CA GLU A 106 11.31 -1.46 21.68
C GLU A 106 10.97 -0.10 21.07
N ASN A 107 10.80 -0.11 19.75
CA ASN A 107 10.42 1.07 18.98
C ASN A 107 11.58 1.97 18.55
N CYS A 108 12.78 1.57 18.92
CA CYS A 108 13.98 2.32 18.57
C CYS A 108 14.19 2.37 17.05
N VAL A 109 14.07 1.22 16.38
CA VAL A 109 14.44 1.15 14.99
C VAL A 109 13.55 2.03 14.12
N SER A 110 12.25 1.96 14.33
CA SER A 110 11.30 2.77 13.56
C SER A 110 11.62 4.25 13.72
N THR A 111 11.97 4.65 14.95
CA THR A 111 12.22 6.05 15.27
C THR A 111 13.55 6.54 14.70
N ALA A 112 14.62 5.79 14.93
CA ALA A 112 15.90 6.07 14.28
C ALA A 112 15.72 6.30 12.79
N GLN A 113 15.06 5.35 12.13
CA GLN A 113 14.83 5.42 10.69
C GLN A 113 14.06 6.67 10.31
N PHE A 114 13.16 7.10 11.19
CA PHE A 114 12.38 8.31 10.93
C PHE A 114 13.21 9.60 10.97
N CYS A 115 14.18 9.67 11.87
CA CYS A 115 15.10 10.81 11.86
C CYS A 115 15.95 10.80 10.61
N LEU A 116 16.66 9.70 10.40
CA LEU A 116 17.48 9.59 9.22
C LEU A 116 16.69 9.99 8.00
N GLN A 117 15.50 9.43 7.82
CA GLN A 117 14.67 9.84 6.70
C GLN A 117 14.39 11.34 6.71
N THR A 118 14.00 11.89 7.87
CA THR A 118 13.68 13.30 7.98
C THR A 118 14.87 14.16 7.60
N ILE A 119 16.04 13.73 8.07
CA ILE A 119 17.30 14.35 7.70
C ILE A 119 17.53 14.29 6.19
N LEU A 120 17.52 13.09 5.63
CA LEU A 120 17.70 12.94 4.19
C LEU A 120 16.70 13.83 3.48
N ASN A 121 15.52 13.97 4.08
CA ASN A 121 14.45 14.76 3.48
C ASN A 121 14.78 16.24 3.41
N ALA A 122 14.98 16.85 4.57
CA ALA A 122 15.40 18.25 4.62
C ALA A 122 16.58 18.57 3.69
N LEU A 123 17.62 17.74 3.66
CA LEU A 123 18.77 18.05 2.81
C LEU A 123 18.43 18.08 1.33
N SER A 124 17.47 17.26 0.90
CA SER A 124 17.22 17.06 -0.53
C SER A 124 15.91 17.65 -1.03
N GLY A 125 15.13 18.24 -0.12
CA GLY A 125 13.89 18.91 -0.49
C GLY A 125 12.69 17.98 -0.55
N LEU A 126 12.95 16.70 -0.25
CA LEU A 126 11.90 15.72 -0.16
C LEU A 126 10.94 16.12 0.94
N LYS A 127 9.66 16.00 0.66
CA LYS A 127 8.66 16.21 1.68
C LYS A 127 8.12 14.83 2.05
N ASN A 128 7.76 14.66 3.32
CA ASN A 128 7.17 13.40 3.77
C ASN A 128 5.69 13.31 3.36
N LYS A 129 5.46 13.38 2.06
CA LYS A 129 4.11 13.30 1.49
C LYS A 129 4.15 12.32 0.34
N PRO A 130 3.00 11.72 0.01
CA PRO A 130 2.96 10.73 -1.07
C PRO A 130 3.35 11.30 -2.43
N ASP A 131 4.16 10.53 -3.16
CA ASP A 131 4.74 10.93 -4.43
C ASP A 131 5.38 12.33 -4.41
N SER A 132 6.23 12.57 -3.42
CA SER A 132 7.06 13.76 -3.45
C SER A 132 8.39 13.38 -4.08
N LYS A 133 8.93 14.26 -4.91
CA LYS A 133 10.28 14.05 -5.43
C LYS A 133 11.22 15.11 -4.83
N PRO A 134 12.54 14.82 -4.86
CA PRO A 134 13.48 15.74 -4.21
C PRO A 134 13.75 16.92 -5.12
N ASP A 135 14.09 18.07 -4.53
CA ASP A 135 14.44 19.29 -5.28
C ASP A 135 15.81 19.10 -5.92
N LYS A 136 15.87 19.11 -7.24
CA LYS A 136 17.15 18.94 -7.94
C LYS A 136 18.20 19.88 -7.36
N GLU A 137 17.76 21.09 -7.01
CA GLU A 137 18.65 22.12 -6.48
C GLU A 137 19.28 21.75 -5.14
N LEU A 138 18.46 21.64 -4.09
CA LEU A 138 18.95 21.30 -2.77
C LEU A 138 19.81 20.03 -2.76
N CYS A 139 19.72 19.23 -3.81
CA CYS A 139 20.49 17.99 -3.90
C CYS A 139 21.91 18.28 -4.31
N THR A 140 22.10 19.41 -4.97
CA THR A 140 23.43 19.86 -5.36
C THR A 140 24.09 20.60 -4.20
N ARG A 141 23.42 21.64 -3.71
CA ARG A 141 23.92 22.44 -2.60
C ARG A 141 24.42 21.55 -1.47
N ASN A 142 23.63 20.55 -1.10
CA ASN A 142 23.96 19.72 0.06
C ASN A 142 24.49 18.34 -0.29
N ASN A 143 25.00 18.17 -1.51
CA ASN A 143 25.47 16.86 -1.92
C ASN A 143 26.56 16.27 -1.02
N ARG A 144 27.29 17.13 -0.30
CA ARG A 144 28.35 16.66 0.60
C ARG A 144 27.75 15.90 1.75
N GLU A 145 26.70 16.47 2.34
CA GLU A 145 26.03 15.89 3.49
C GLU A 145 25.15 14.68 3.09
N ILE A 146 24.39 14.85 2.01
CA ILE A 146 23.62 13.76 1.44
C ILE A 146 24.50 12.54 1.19
N ASP A 147 25.70 12.77 0.69
CA ASP A 147 26.64 11.69 0.41
C ASP A 147 27.30 11.17 1.70
N THR A 148 27.61 12.07 2.64
CA THR A 148 28.17 11.66 3.91
C THR A 148 27.20 10.68 4.56
N LEU A 149 25.93 10.88 4.24
CA LEU A 149 24.83 10.07 4.77
C LEU A 149 24.80 8.66 4.16
N LEU A 150 24.86 8.59 2.83
CA LEU A 150 24.89 7.32 2.13
C LEU A 150 26.07 6.47 2.56
N THR A 151 27.26 7.07 2.55
CA THR A 151 28.47 6.33 2.89
C THR A 151 28.41 5.82 4.32
N CYS A 152 27.87 6.63 5.22
CA CYS A 152 27.61 6.13 6.55
C CYS A 152 26.82 4.82 6.55
N LEU A 153 25.70 4.82 5.82
CA LEU A 153 24.80 3.66 5.78
C LEU A 153 25.46 2.43 5.16
N VAL A 154 26.04 2.57 3.97
CA VAL A 154 26.73 1.43 3.37
C VAL A 154 27.76 0.81 4.33
N TYR A 155 28.47 1.66 5.06
CA TYR A 155 29.51 1.20 5.98
C TYR A 155 28.91 0.59 7.26
N SER A 156 27.62 0.78 7.47
CA SER A 156 26.95 0.15 8.61
C SER A 156 26.42 -1.21 8.27
N ILE A 157 26.29 -1.50 6.98
CA ILE A 157 25.74 -2.78 6.55
C ILE A 157 26.47 -3.97 7.16
N THR A 158 27.78 -4.05 6.96
CA THR A 158 28.57 -5.19 7.48
C THR A 158 29.23 -4.93 8.84
N ASP A 159 28.91 -3.81 9.46
CA ASP A 159 29.52 -3.41 10.72
C ASP A 159 29.18 -4.41 11.79
N ARG A 160 30.19 -5.07 12.35
CA ARG A 160 29.95 -6.09 13.37
C ARG A 160 29.67 -5.53 14.78
N THR A 161 29.64 -4.21 14.92
CA THR A 161 29.29 -3.55 16.17
C THR A 161 27.81 -3.72 16.54
N ILE A 162 26.95 -3.60 15.52
CA ILE A 162 25.50 -3.59 15.72
C ILE A 162 24.85 -4.98 15.64
N SER A 163 23.67 -5.09 16.26
CA SER A 163 22.87 -6.30 16.23
C SER A 163 22.05 -6.42 14.94
N GLY A 164 21.44 -7.58 14.72
CA GLY A 164 20.63 -7.82 13.53
C GLY A 164 19.52 -6.81 13.25
N ALA A 165 18.70 -6.53 14.25
CA ALA A 165 17.60 -5.58 14.07
C ALA A 165 18.05 -4.30 13.37
N ALA A 166 19.16 -3.75 13.85
CA ALA A 166 19.68 -2.49 13.33
C ALA A 166 20.23 -2.65 11.91
N ARG A 167 20.85 -3.79 11.64
CA ARG A 167 21.39 -4.03 10.32
C ARG A 167 20.23 -4.01 9.32
N ASP A 168 19.15 -4.68 9.68
CA ASP A 168 17.91 -4.67 8.90
C ASP A 168 17.48 -3.21 8.66
N GLY A 169 17.24 -2.48 9.75
CA GLY A 169 16.84 -1.10 9.63
C GLY A 169 17.70 -0.27 8.70
N VAL A 170 19.00 -0.49 8.74
CA VAL A 170 19.88 0.20 7.83
C VAL A 170 19.63 -0.23 6.40
N ILE A 171 19.65 -1.53 6.15
CA ILE A 171 19.49 -1.96 4.78
C ILE A 171 18.15 -1.49 4.24
N GLU A 172 17.10 -1.54 5.06
CA GLU A 172 15.78 -1.06 4.65
C GLU A 172 15.85 0.38 4.17
N LEU A 173 16.35 1.27 5.03
CA LEU A 173 16.57 2.67 4.69
C LEU A 173 17.14 2.89 3.31
N ILE A 174 18.14 2.08 2.96
CA ILE A 174 18.76 2.19 1.65
C ILE A 174 17.81 1.75 0.54
N THR A 175 17.13 0.61 0.73
CA THR A 175 16.18 0.14 -0.26
C THR A 175 15.19 1.26 -0.56
N ARG A 176 14.63 1.86 0.50
CA ARG A 176 13.62 2.91 0.34
C ARG A 176 14.02 4.10 -0.53
N ASN A 177 15.32 4.43 -0.61
CA ASN A 177 15.73 5.72 -1.18
C ASN A 177 16.53 5.66 -2.49
N VAL A 178 16.92 4.44 -2.84
CA VAL A 178 17.70 4.20 -4.04
C VAL A 178 17.07 4.65 -5.37
N HIS A 179 15.74 4.57 -5.47
CA HIS A 179 15.03 4.84 -6.72
C HIS A 179 14.93 6.30 -7.14
N TYR A 180 14.97 7.23 -6.18
CA TYR A 180 14.98 8.67 -6.49
C TYR A 180 16.24 8.98 -7.27
N THR A 181 16.08 9.60 -8.44
CA THR A 181 17.20 9.79 -9.36
C THR A 181 17.99 11.06 -9.11
N ALA A 182 17.33 12.05 -8.48
CA ALA A 182 17.99 13.28 -8.08
C ALA A 182 18.99 13.03 -6.95
N LEU A 183 19.03 11.80 -6.44
CA LEU A 183 19.93 11.41 -5.36
C LEU A 183 21.07 10.55 -5.91
N GLU A 184 20.78 9.83 -6.99
CA GLU A 184 21.74 8.89 -7.58
C GLU A 184 22.35 7.90 -6.59
N TRP A 185 21.58 7.50 -5.58
CA TRP A 185 22.11 6.58 -4.58
C TRP A 185 22.34 5.20 -5.17
N ALA A 186 21.52 4.81 -6.13
CA ALA A 186 21.74 3.55 -6.78
C ALA A 186 23.16 3.49 -7.33
N GLU A 187 23.52 4.51 -8.11
CA GLU A 187 24.85 4.57 -8.72
C GLU A 187 25.95 4.74 -7.66
N ARG A 188 25.77 5.74 -6.81
CA ARG A 188 26.73 6.08 -5.75
C ARG A 188 27.05 4.87 -4.88
N LEU A 189 26.05 4.09 -4.54
CA LEU A 189 26.26 2.88 -3.75
C LEU A 189 27.10 1.85 -4.50
N VAL A 190 26.86 1.71 -5.79
CA VAL A 190 27.61 0.69 -6.51
C VAL A 190 29.10 1.06 -6.56
N GLU A 191 29.41 2.37 -6.60
CA GLU A 191 30.80 2.83 -6.55
C GLU A 191 31.48 2.43 -5.23
N ILE A 192 30.86 2.74 -4.10
CA ILE A 192 31.40 2.42 -2.78
C ILE A 192 31.47 0.92 -2.56
N ARG A 193 31.22 0.16 -3.62
CA ARG A 193 31.23 -1.29 -3.53
C ARG A 193 30.21 -1.84 -2.53
N GLY A 194 29.05 -1.19 -2.48
CA GLY A 194 27.98 -1.57 -1.58
C GLY A 194 27.48 -2.97 -1.84
N LEU A 195 27.47 -3.37 -3.11
CA LEU A 195 26.97 -4.69 -3.49
C LEU A 195 27.72 -5.79 -2.75
N CYS A 196 29.04 -5.70 -2.75
CA CYS A 196 29.81 -6.71 -2.05
C CYS A 196 29.37 -6.75 -0.59
N ARG A 197 29.12 -5.58 -0.03
CA ARG A 197 28.75 -5.53 1.38
C ARG A 197 27.39 -6.17 1.63
N LEU A 198 26.43 -5.94 0.72
CA LEU A 198 25.15 -6.61 0.85
C LEU A 198 25.31 -8.12 0.79
N LEU A 199 25.97 -8.60 -0.26
CA LEU A 199 26.29 -10.02 -0.40
C LEU A 199 26.90 -10.61 0.86
N ASP A 200 27.72 -9.82 1.56
CA ASP A 200 28.33 -10.31 2.80
C ASP A 200 27.27 -10.68 3.83
N VAL A 201 26.24 -9.85 3.96
CA VAL A 201 25.15 -10.14 4.87
C VAL A 201 24.36 -11.38 4.43
N CYS A 202 24.15 -11.51 3.12
CA CYS A 202 23.44 -12.66 2.58
C CYS A 202 24.12 -13.97 2.93
N SER A 203 25.44 -14.01 2.77
CA SER A 203 26.20 -15.22 3.00
C SER A 203 26.55 -15.43 4.47
N GLU A 204 26.18 -14.51 5.34
CA GLU A 204 26.32 -14.80 6.76
C GLU A 204 25.34 -15.92 7.12
N LEU A 205 25.90 -17.04 7.58
CA LEU A 205 25.13 -18.21 7.99
C LEU A 205 24.58 -18.08 9.41
N GLU A 206 23.26 -18.19 9.54
CA GLU A 206 22.63 -17.99 10.85
C GLU A 206 22.71 -19.19 11.80
N ASP A 207 23.01 -20.37 11.25
CA ASP A 207 23.20 -21.58 12.05
C ASP A 207 24.65 -21.69 12.53
N TYR A 208 25.51 -22.23 11.67
CA TYR A 208 26.92 -22.36 12.00
C TYR A 208 27.59 -21.02 11.79
N LYS A 209 28.14 -20.46 12.86
CA LYS A 209 28.84 -19.19 12.74
C LYS A 209 30.32 -19.45 12.54
N TYR A 210 30.81 -19.25 11.32
CA TYR A 210 32.24 -19.28 11.07
C TYR A 210 32.87 -18.17 11.88
N GLU A 211 34.18 -18.26 12.11
CA GLU A 211 34.84 -17.35 13.05
C GLU A 211 34.53 -15.87 12.81
N SER A 212 34.52 -15.47 11.55
CA SER A 212 34.19 -14.10 11.17
C SER A 212 32.66 -13.91 11.02
N ALA A 213 32.02 -13.37 12.05
CA ALA A 213 30.57 -13.31 12.04
C ALA A 213 30.02 -11.98 12.52
N MET A 214 29.00 -11.51 11.80
CA MET A 214 28.18 -10.38 12.22
C MET A 214 26.84 -10.89 12.73
N ASP A 215 26.22 -10.15 13.63
CA ASP A 215 24.95 -10.58 14.17
C ASP A 215 23.82 -10.29 13.16
N ILE A 216 23.03 -11.29 12.79
CA ILE A 216 21.92 -11.05 11.87
C ILE A 216 20.61 -11.56 12.42
N THR A 217 19.54 -11.49 11.61
CA THR A 217 18.24 -12.07 11.92
C THR A 217 17.71 -12.92 10.79
N GLY A 218 16.57 -13.56 11.05
CA GLY A 218 15.90 -14.33 10.02
C GLY A 218 15.64 -13.53 8.76
N SER A 219 15.44 -12.23 8.92
CA SER A 219 15.02 -11.43 7.79
C SER A 219 16.19 -10.82 7.07
N SER A 220 17.36 -10.91 7.69
CA SER A 220 18.55 -10.28 7.11
C SER A 220 18.84 -10.69 5.66
N SER A 221 18.96 -11.99 5.38
CA SER A 221 19.27 -12.42 4.00
C SER A 221 18.20 -11.97 3.01
N THR A 222 16.94 -12.12 3.40
CA THR A 222 15.85 -11.66 2.54
C THR A 222 15.92 -10.14 2.30
N ILE A 223 15.94 -9.37 3.39
CA ILE A 223 15.94 -7.92 3.30
C ILE A 223 17.07 -7.40 2.41
N ALA A 224 18.22 -8.05 2.55
CA ALA A 224 19.39 -7.73 1.75
C ALA A 224 19.20 -8.07 0.27
N SER A 225 18.55 -9.19 -0.01
CA SER A 225 18.28 -9.58 -1.41
C SER A 225 17.33 -8.62 -2.09
N VAL A 226 16.34 -8.14 -1.35
CA VAL A 226 15.40 -7.19 -1.92
C VAL A 226 16.12 -5.90 -2.26
N CYS A 227 17.02 -5.49 -1.36
CA CYS A 227 17.90 -4.34 -1.61
C CYS A 227 18.73 -4.54 -2.88
N LEU A 228 19.50 -5.63 -2.91
CA LEU A 228 20.25 -5.98 -4.12
C LEU A 228 19.38 -5.80 -5.37
N ALA A 229 18.18 -6.36 -5.33
CA ALA A 229 17.29 -6.30 -6.48
C ALA A 229 16.85 -4.86 -6.77
N ARG A 230 16.49 -4.11 -5.74
CA ARG A 230 15.99 -2.77 -5.98
C ARG A 230 17.07 -1.91 -6.60
N ILE A 231 18.31 -2.10 -6.15
CA ILE A 231 19.45 -1.37 -6.70
C ILE A 231 19.57 -1.66 -8.20
N TYR A 232 19.53 -2.94 -8.58
CA TYR A 232 19.54 -3.33 -9.99
C TYR A 232 18.37 -2.74 -10.81
N GLU A 233 17.15 -2.73 -10.26
CA GLU A 233 16.01 -2.09 -10.94
C GLU A 233 16.37 -0.63 -11.32
N ASN A 234 17.35 -0.04 -10.63
CA ASN A 234 17.74 1.35 -10.93
C ASN A 234 19.08 1.51 -11.64
N MET A 235 19.65 0.42 -12.14
CA MET A 235 20.76 0.50 -13.09
C MET A 235 20.14 0.69 -14.46
N TYR A 236 20.06 1.94 -14.91
CA TYR A 236 19.19 2.30 -16.04
C TYR A 236 19.70 1.87 -17.42
N TYR A 237 20.88 2.33 -17.82
CA TYR A 237 21.43 1.92 -19.10
C TYR A 237 22.25 0.61 -19.03
N ASP A 238 22.63 0.10 -20.18
CA ASP A 238 23.34 -1.19 -20.25
C ASP A 238 24.69 -1.15 -19.58
N GLU A 239 25.32 0.03 -19.59
CA GLU A 239 26.65 0.17 -19.04
C GLU A 239 26.62 0.07 -17.53
N ALA A 240 25.51 0.51 -16.94
CA ALA A 240 25.35 0.48 -15.49
C ALA A 240 25.03 -0.93 -15.00
N LYS A 241 24.22 -1.67 -15.75
CA LYS A 241 23.98 -3.06 -15.40
C LYS A 241 25.31 -3.80 -15.50
N ALA A 242 26.17 -3.30 -16.38
CA ALA A 242 27.52 -3.84 -16.53
C ALA A 242 28.29 -3.75 -15.21
N ARG A 243 28.54 -2.52 -14.75
CA ARG A 243 29.30 -2.28 -13.53
C ARG A 243 28.81 -3.11 -12.37
N PHE A 244 27.50 -3.28 -12.30
CA PHE A 244 26.84 -4.06 -11.27
C PHE A 244 27.30 -5.51 -11.33
N THR A 245 26.89 -6.21 -12.39
CA THR A 245 27.20 -7.63 -12.59
C THR A 245 28.69 -7.93 -12.54
N ASP A 246 29.50 -6.93 -12.91
CA ASP A 246 30.95 -7.05 -12.91
C ASP A 246 31.45 -7.11 -11.48
N GLN A 247 30.91 -6.23 -10.65
CA GLN A 247 31.25 -6.19 -9.23
C GLN A 247 30.86 -7.49 -8.55
N ILE A 248 29.71 -8.02 -8.91
CA ILE A 248 29.29 -9.29 -8.37
C ILE A 248 30.22 -10.39 -8.84
N ASP A 249 30.34 -10.51 -10.16
CA ASP A 249 31.23 -11.51 -10.76
C ASP A 249 32.59 -11.52 -10.03
N GLU A 250 33.19 -10.33 -9.90
CA GLU A 250 34.50 -10.18 -9.28
C GLU A 250 34.52 -10.69 -7.84
N TYR A 251 33.47 -10.34 -7.10
CA TYR A 251 33.29 -10.75 -5.70
C TYR A 251 33.24 -12.28 -5.57
N ILE A 252 32.72 -12.94 -6.59
CA ILE A 252 32.66 -14.40 -6.58
C ILE A 252 34.04 -15.00 -6.90
N LYS A 253 34.66 -14.53 -7.97
CA LYS A 253 35.99 -14.98 -8.36
C LYS A 253 36.92 -14.98 -7.14
N ASP A 254 36.88 -13.86 -6.42
CA ASP A 254 37.69 -13.68 -5.22
C ASP A 254 37.47 -14.80 -4.20
N LYS A 255 36.23 -15.16 -3.96
CA LYS A 255 35.92 -16.15 -2.93
C LYS A 255 36.32 -17.55 -3.37
N LEU A 256 36.25 -17.79 -4.68
CA LEU A 256 36.51 -19.09 -5.30
C LEU A 256 37.99 -19.47 -5.49
N LEU A 257 38.89 -18.53 -5.27
CA LEU A 257 40.29 -18.89 -5.10
C LEU A 257 40.42 -19.28 -3.64
N ALA A 258 41.35 -20.20 -3.35
CA ALA A 258 41.52 -20.72 -1.99
C ALA A 258 40.18 -21.26 -1.49
N PRO A 259 39.61 -22.22 -2.23
CA PRO A 259 38.25 -22.66 -1.95
C PRO A 259 38.16 -23.68 -0.81
N ASP A 260 38.56 -23.29 0.41
CA ASP A 260 38.27 -24.10 1.59
C ASP A 260 36.76 -24.29 1.69
N MET A 261 36.27 -25.04 2.68
CA MET A 261 34.82 -25.25 2.75
C MET A 261 34.07 -23.95 3.05
N GLU A 262 34.53 -23.18 4.01
CA GLU A 262 33.90 -21.89 4.27
C GLU A 262 33.76 -21.09 2.95
N SER A 263 34.85 -20.91 2.21
CA SER A 263 34.76 -20.11 0.99
C SER A 263 33.71 -20.67 0.02
N LYS A 264 33.59 -21.99 -0.07
CA LYS A 264 32.63 -22.60 -1.00
C LYS A 264 31.18 -22.48 -0.49
N VAL A 265 30.93 -22.92 0.75
CA VAL A 265 29.64 -22.74 1.41
C VAL A 265 29.11 -21.30 1.34
N ARG A 266 29.97 -20.30 1.48
CA ARG A 266 29.51 -18.92 1.43
C ARG A 266 29.15 -18.46 0.02
N VAL A 267 29.99 -18.76 -0.95
CA VAL A 267 29.71 -18.33 -2.31
C VAL A 267 28.37 -18.86 -2.75
N THR A 268 28.06 -20.11 -2.39
CA THR A 268 26.83 -20.67 -2.88
C THR A 268 25.63 -20.03 -2.16
N VAL A 269 25.76 -19.80 -0.86
CA VAL A 269 24.70 -19.15 -0.09
C VAL A 269 24.42 -17.74 -0.59
N ALA A 270 25.45 -17.10 -1.11
CA ALA A 270 25.36 -15.76 -1.69
C ALA A 270 24.69 -15.82 -3.06
N ILE A 271 25.09 -16.80 -3.85
CA ILE A 271 24.52 -17.01 -5.18
C ILE A 271 23.01 -17.30 -5.06
N THR A 272 22.64 -18.11 -4.06
CA THR A 272 21.24 -18.36 -3.73
C THR A 272 20.51 -17.04 -3.47
N ALA A 273 20.99 -16.27 -2.50
CA ALA A 273 20.47 -14.94 -2.23
C ALA A 273 20.45 -14.06 -3.47
N LEU A 274 21.38 -14.30 -4.38
CA LEU A 274 21.46 -13.50 -5.58
C LEU A 274 20.41 -13.89 -6.62
N LEU A 275 20.02 -15.17 -6.65
CA LEU A 275 18.95 -15.62 -7.54
C LEU A 275 17.60 -15.15 -6.99
N ASN A 276 17.42 -15.35 -5.69
CA ASN A 276 16.23 -14.88 -4.98
C ASN A 276 16.16 -13.35 -4.90
N GLY A 277 17.09 -12.68 -5.56
CA GLY A 277 17.10 -11.21 -5.61
C GLY A 277 16.93 -10.67 -7.02
N PRO A 278 18.04 -10.19 -7.62
CA PRO A 278 18.12 -9.74 -9.01
C PRO A 278 18.32 -10.93 -9.94
N LEU A 279 17.23 -11.55 -10.38
CA LEU A 279 17.32 -12.89 -10.98
C LEU A 279 18.28 -12.99 -12.20
N ASP A 280 18.23 -12.01 -13.10
CA ASP A 280 19.10 -12.04 -14.28
C ASP A 280 20.55 -12.15 -13.88
N VAL A 281 20.94 -11.34 -12.91
CA VAL A 281 22.32 -11.31 -12.44
C VAL A 281 22.66 -12.62 -11.79
N GLY A 282 21.71 -13.17 -11.05
CA GLY A 282 21.88 -14.46 -10.44
C GLY A 282 22.18 -15.49 -11.50
N ASN A 283 21.47 -15.39 -12.63
CA ASN A 283 21.59 -16.35 -13.73
C ASN A 283 22.88 -16.19 -14.56
N GLN A 284 23.17 -14.95 -14.97
CA GLN A 284 24.44 -14.66 -15.66
C GLN A 284 25.63 -15.19 -14.87
N VAL A 285 25.50 -15.25 -13.54
CA VAL A 285 26.54 -15.75 -12.65
C VAL A 285 26.58 -17.27 -12.55
N VAL A 286 25.41 -17.92 -12.56
CA VAL A 286 25.38 -19.38 -12.51
C VAL A 286 25.98 -19.96 -13.79
N ALA A 287 25.71 -19.28 -14.91
CA ALA A 287 26.26 -19.64 -16.20
C ALA A 287 27.78 -19.73 -16.14
N ARG A 288 28.41 -18.63 -15.72
CA ARG A 288 29.88 -18.53 -15.69
C ARG A 288 30.49 -18.78 -14.30
N GLU A 289 30.63 -20.05 -13.93
CA GLU A 289 30.30 -21.19 -14.78
C GLU A 289 30.53 -22.46 -13.97
N GLY A 290 30.00 -23.58 -14.47
CA GLY A 290 30.20 -24.86 -13.81
C GLY A 290 30.18 -24.66 -12.30
N ILE A 291 29.35 -23.73 -11.85
CA ILE A 291 29.03 -23.58 -10.44
C ILE A 291 27.78 -24.43 -10.24
N LEU A 292 27.08 -24.64 -11.35
CA LEU A 292 26.08 -25.69 -11.40
C LEU A 292 26.77 -26.99 -11.01
N GLN A 293 27.82 -27.35 -11.75
CA GLN A 293 28.59 -28.55 -11.46
C GLN A 293 29.09 -28.54 -10.02
N MET A 294 29.47 -27.37 -9.52
CA MET A 294 29.96 -27.28 -8.15
C MET A 294 28.87 -27.59 -7.14
N ILE A 295 27.67 -27.06 -7.38
CA ILE A 295 26.54 -27.29 -6.49
C ILE A 295 26.13 -28.76 -6.45
N LEU A 296 25.85 -29.32 -7.64
CA LEU A 296 25.55 -30.74 -7.76
C LEU A 296 26.57 -31.54 -6.95
N ALA A 297 27.84 -31.25 -7.19
CA ALA A 297 28.94 -31.85 -6.46
C ALA A 297 28.80 -31.77 -4.92
N MET A 298 28.39 -30.59 -4.43
CA MET A 298 28.27 -30.37 -2.99
C MET A 298 27.11 -31.18 -2.46
N ALA A 299 26.02 -31.18 -3.23
CA ALA A 299 24.82 -31.91 -2.88
C ALA A 299 25.11 -33.41 -2.76
N THR A 300 26.08 -33.89 -3.53
CA THR A 300 26.44 -35.30 -3.55
C THR A 300 27.38 -35.76 -2.42
N THR A 301 28.07 -34.84 -1.78
CA THR A 301 28.92 -35.21 -0.64
C THR A 301 28.08 -35.73 0.51
N ASP A 302 28.73 -35.98 1.63
CA ASP A 302 28.03 -36.53 2.79
C ASP A 302 28.04 -35.62 4.00
N ASP A 303 28.27 -34.33 3.79
CA ASP A 303 28.11 -33.39 4.90
C ASP A 303 26.84 -32.56 4.78
N GLU A 304 26.02 -32.72 5.79
CA GLU A 304 24.69 -32.20 5.73
C GLU A 304 24.74 -30.68 5.52
N LEU A 305 25.86 -30.04 5.87
CA LEU A 305 25.93 -28.60 5.61
C LEU A 305 26.01 -28.28 4.13
N GLN A 306 26.83 -29.00 3.39
CA GLN A 306 26.90 -28.71 1.95
C GLN A 306 25.60 -29.08 1.29
N GLN A 307 25.02 -30.19 1.74
CA GLN A 307 23.73 -30.64 1.25
C GLN A 307 22.70 -29.53 1.37
N ARG A 308 22.38 -29.17 2.62
CA ARG A 308 21.48 -28.06 2.92
C ARG A 308 21.65 -26.87 1.97
N VAL A 309 22.78 -26.20 2.09
CA VAL A 309 23.08 -25.03 1.29
C VAL A 309 22.90 -25.21 -0.23
N ALA A 310 23.24 -26.40 -0.72
CA ALA A 310 23.20 -26.70 -2.14
C ALA A 310 21.78 -26.87 -2.65
N CYS A 311 20.94 -27.57 -1.87
CA CYS A 311 19.51 -27.64 -2.12
C CYS A 311 18.90 -26.27 -2.37
N GLU A 312 19.03 -25.38 -1.39
CA GLU A 312 18.45 -24.04 -1.47
C GLU A 312 18.89 -23.40 -2.76
N CYS A 313 20.12 -23.67 -3.17
CA CYS A 313 20.61 -23.09 -4.42
C CYS A 313 19.94 -23.73 -5.64
N LEU A 314 19.81 -25.05 -5.63
CA LEU A 314 19.07 -25.74 -6.67
C LEU A 314 17.65 -25.19 -6.71
N ILE A 315 16.99 -25.17 -5.56
CA ILE A 315 15.63 -24.63 -5.48
C ILE A 315 15.57 -23.23 -6.08
N ALA A 316 16.58 -22.43 -5.81
CA ALA A 316 16.62 -21.05 -6.27
C ALA A 316 16.92 -20.96 -7.76
N ALA A 317 17.66 -21.94 -8.27
CA ALA A 317 18.07 -21.97 -9.68
C ALA A 317 16.87 -22.20 -10.60
N SER A 318 15.88 -22.90 -10.06
CA SER A 318 14.70 -23.32 -10.80
C SER A 318 13.72 -22.20 -11.09
N SER A 319 14.01 -20.97 -10.65
CA SER A 319 13.04 -19.87 -10.77
C SER A 319 12.74 -19.43 -12.22
N LYS A 320 13.33 -20.15 -13.17
CA LYS A 320 13.02 -19.97 -14.57
C LYS A 320 12.25 -21.19 -15.12
N LYS A 321 11.18 -20.96 -15.89
CA LYS A 321 10.49 -22.07 -16.52
C LYS A 321 11.43 -22.74 -17.50
N ASP A 322 12.42 -21.97 -17.94
CA ASP A 322 13.36 -22.41 -18.95
C ASP A 322 14.50 -23.22 -18.34
N LYS A 323 15.17 -22.64 -17.34
CA LYS A 323 16.34 -23.26 -16.72
C LYS A 323 16.02 -24.41 -15.74
N ALA A 324 14.72 -24.70 -15.57
CA ALA A 324 14.27 -25.78 -14.71
C ALA A 324 14.11 -27.05 -15.53
N LYS A 325 13.51 -26.92 -16.70
CA LYS A 325 13.41 -28.02 -17.66
C LYS A 325 14.81 -28.46 -18.02
N ALA A 326 15.74 -27.51 -17.95
CA ALA A 326 17.15 -27.77 -18.22
C ALA A 326 17.91 -28.39 -17.02
N LEU A 327 17.31 -28.29 -15.84
CA LEU A 327 17.97 -28.61 -14.56
C LEU A 327 17.67 -30.01 -14.08
N CYS A 328 16.41 -30.40 -14.25
CA CYS A 328 15.95 -31.74 -13.89
C CYS A 328 16.95 -32.81 -14.32
N GLU A 329 17.36 -32.76 -15.58
CA GLU A 329 18.26 -33.75 -16.16
C GLU A 329 19.17 -34.35 -15.10
N GLN A 330 20.00 -33.51 -14.49
CA GLN A 330 21.04 -34.03 -13.59
C GLN A 330 20.69 -33.97 -12.11
N GLY A 331 20.05 -32.88 -11.72
CA GLY A 331 19.85 -32.58 -10.32
C GLY A 331 18.72 -33.31 -9.65
N VAL A 332 17.61 -33.47 -10.36
CA VAL A 332 16.43 -34.12 -9.79
C VAL A 332 16.81 -35.41 -9.04
N ASP A 333 17.70 -36.19 -9.63
CA ASP A 333 18.12 -37.43 -8.99
C ASP A 333 18.71 -37.24 -7.59
N ILE A 334 19.47 -36.15 -7.42
CA ILE A 334 20.03 -35.83 -6.11
C ILE A 334 18.92 -35.41 -5.15
N LEU A 335 17.99 -34.59 -5.64
CA LEU A 335 16.86 -34.15 -4.83
C LEU A 335 16.05 -35.33 -4.31
N LYS A 336 15.70 -36.26 -5.19
CA LYS A 336 15.00 -37.48 -4.76
C LYS A 336 15.80 -38.20 -3.67
N ARG A 337 17.12 -38.26 -3.80
CA ARG A 337 17.94 -38.87 -2.76
C ARG A 337 17.84 -38.11 -1.44
N LEU A 338 18.07 -36.80 -1.48
CA LEU A 338 17.99 -36.00 -0.28
C LEU A 338 16.58 -36.04 0.35
N TYR A 339 15.60 -36.32 -0.49
CA TYR A 339 14.22 -36.37 -0.05
C TYR A 339 14.01 -37.55 0.86
N HIS A 340 15.04 -38.39 0.96
CA HIS A 340 14.99 -39.60 1.80
C HIS A 340 15.90 -39.49 3.04
N SER A 341 16.55 -38.33 3.20
CA SER A 341 17.48 -38.05 4.32
C SER A 341 16.84 -38.16 5.70
N LYS A 342 17.55 -38.71 6.67
CA LYS A 342 16.94 -38.74 8.00
C LYS A 342 17.05 -37.38 8.68
N ASN A 343 17.76 -36.45 8.02
CA ASN A 343 17.91 -35.08 8.52
C ASN A 343 16.76 -34.17 8.13
N ASP A 344 15.95 -33.81 9.12
CA ASP A 344 14.71 -33.09 8.84
C ASP A 344 14.89 -31.82 7.98
N GLY A 345 15.85 -30.98 8.34
CA GLY A 345 16.06 -29.77 7.57
C GLY A 345 16.47 -30.05 6.14
N ILE A 346 17.09 -31.20 5.89
CA ILE A 346 17.46 -31.54 4.53
C ILE A 346 16.25 -32.10 3.81
N ARG A 347 15.57 -33.06 4.44
CA ARG A 347 14.44 -33.65 3.75
C ARG A 347 13.48 -32.57 3.23
N VAL A 348 13.04 -31.71 4.14
CA VAL A 348 12.05 -30.68 3.82
C VAL A 348 12.51 -29.77 2.68
N ARG A 349 13.79 -29.42 2.67
CA ARG A 349 14.34 -28.60 1.59
C ARG A 349 14.27 -29.36 0.27
N ALA A 350 14.69 -30.61 0.29
CA ALA A 350 14.60 -31.43 -0.91
C ALA A 350 13.15 -31.49 -1.41
N LEU A 351 12.21 -31.72 -0.50
CA LEU A 351 10.77 -31.73 -0.79
C LEU A 351 10.25 -30.46 -1.46
N VAL A 352 10.71 -29.30 -1.00
CA VAL A 352 10.37 -28.06 -1.67
C VAL A 352 10.98 -28.02 -3.08
N GLY A 353 12.21 -28.50 -3.19
CA GLY A 353 12.87 -28.53 -4.48
C GLY A 353 12.00 -29.25 -5.49
N LEU A 354 11.35 -30.31 -5.04
CA LEU A 354 10.62 -31.19 -5.93
C LEU A 354 9.24 -30.65 -6.23
N CYS A 355 8.57 -30.11 -5.22
CA CYS A 355 7.30 -29.41 -5.41
C CYS A 355 7.45 -28.24 -6.37
N LYS A 356 8.60 -27.57 -6.33
CA LYS A 356 8.75 -26.39 -7.16
C LYS A 356 8.86 -26.88 -8.59
N LEU A 357 9.80 -27.77 -8.84
CA LEU A 357 9.95 -28.36 -10.17
C LEU A 357 8.64 -28.94 -10.69
N GLY A 358 7.91 -29.63 -9.81
CA GLY A 358 6.65 -30.25 -10.19
C GLY A 358 5.57 -29.30 -10.65
N SER A 359 5.64 -28.05 -10.20
CA SER A 359 4.57 -27.09 -10.42
C SER A 359 4.38 -26.65 -11.87
N TYR A 360 5.40 -26.77 -12.71
CA TYR A 360 5.27 -26.43 -14.14
C TYR A 360 4.68 -27.60 -14.94
N GLY A 361 3.73 -27.33 -15.84
CA GLY A 361 3.07 -26.05 -15.99
C GLY A 361 1.61 -26.42 -16.14
N GLY A 362 0.81 -26.10 -15.12
CA GLY A 362 -0.55 -26.61 -14.97
C GLY A 362 -1.66 -25.94 -15.78
N GLN A 363 -1.27 -25.09 -16.72
CA GLN A 363 -2.19 -24.49 -17.69
C GLN A 363 -2.09 -25.19 -19.06
N ASP A 364 -0.85 -25.50 -19.45
CA ASP A 364 -0.52 -25.97 -20.80
C ASP A 364 -1.33 -27.19 -21.26
N ALA A 365 -1.10 -28.33 -20.63
CA ALA A 365 -1.81 -29.55 -20.99
C ALA A 365 -3.26 -29.49 -20.46
N ALA A 366 -3.59 -28.39 -19.79
CA ALA A 366 -4.85 -28.27 -19.05
C ALA A 366 -4.88 -29.35 -17.98
N ILE A 367 -3.84 -30.20 -18.02
CA ILE A 367 -3.65 -31.32 -17.11
C ILE A 367 -2.90 -30.85 -15.87
N ARG A 368 -3.57 -31.00 -14.73
CA ARG A 368 -3.03 -30.54 -13.47
C ARG A 368 -1.75 -31.29 -13.09
N PRO A 369 -0.81 -30.56 -12.47
CA PRO A 369 0.45 -31.03 -11.90
C PRO A 369 0.25 -31.93 -10.65
N PHE A 370 1.16 -32.89 -10.44
CA PHE A 370 1.06 -33.84 -9.33
C PHE A 370 -0.21 -34.67 -9.40
N GLY A 371 -0.49 -35.20 -10.58
CA GLY A 371 -1.67 -36.03 -10.74
C GLY A 371 -1.57 -37.30 -9.93
N ASP A 372 -2.59 -38.14 -10.04
CA ASP A 372 -2.58 -39.49 -9.47
C ASP A 372 -2.23 -39.56 -7.98
N GLY A 373 -2.60 -38.50 -7.25
CA GLY A 373 -2.54 -38.48 -5.80
C GLY A 373 -1.23 -37.98 -5.22
N ALA A 374 -0.30 -37.63 -6.10
CA ALA A 374 0.97 -37.08 -5.67
C ALA A 374 0.77 -35.79 -4.92
N ALA A 375 -0.13 -34.94 -5.39
CA ALA A 375 -0.40 -33.67 -4.72
C ALA A 375 -0.84 -33.86 -3.27
N LEU A 376 -1.85 -34.67 -3.02
CA LEU A 376 -2.24 -34.91 -1.63
C LEU A 376 -1.10 -35.50 -0.77
N LYS A 377 -0.32 -36.42 -1.32
CA LYS A 377 0.80 -37.06 -0.61
C LYS A 377 1.86 -36.05 -0.18
N LEU A 378 2.39 -35.32 -1.15
CA LEU A 378 3.35 -34.29 -0.85
C LEU A 378 2.81 -33.28 0.17
N ALA A 379 1.54 -32.89 0.04
CA ALA A 379 0.93 -31.97 0.99
C ALA A 379 0.97 -32.56 2.41
N GLU A 380 0.62 -33.84 2.56
CA GLU A 380 0.68 -34.46 3.87
C GLU A 380 2.10 -34.39 4.43
N ALA A 381 3.10 -34.52 3.57
CA ALA A 381 4.47 -34.46 4.06
C ALA A 381 4.72 -33.10 4.67
N CYS A 382 4.25 -32.06 4.00
CA CYS A 382 4.44 -30.68 4.42
C CYS A 382 3.67 -30.40 5.69
N ARG A 383 2.51 -31.02 5.81
CA ARG A 383 1.71 -30.82 7.00
C ARG A 383 2.49 -31.30 8.21
N ARG A 384 3.18 -32.44 8.08
CA ARG A 384 3.87 -33.00 9.24
C ARG A 384 5.04 -32.17 9.71
N PHE A 385 5.77 -31.58 8.79
CA PHE A 385 6.87 -30.70 9.13
C PHE A 385 6.30 -29.46 9.80
N LEU A 386 5.16 -28.99 9.31
CA LEU A 386 4.57 -27.75 9.79
C LEU A 386 4.10 -27.85 11.24
N ILE A 387 3.46 -28.95 11.57
CA ILE A 387 3.01 -29.25 12.91
C ILE A 387 4.14 -29.70 13.80
N LYS A 388 5.15 -30.36 13.22
CA LYS A 388 6.22 -31.03 13.97
C LYS A 388 6.76 -30.21 15.11
N PRO A 389 6.36 -30.61 16.34
CA PRO A 389 6.69 -30.00 17.63
C PRO A 389 8.13 -30.33 17.97
N GLY A 390 8.57 -31.50 17.50
CA GLY A 390 9.90 -32.06 17.74
C GLY A 390 11.10 -31.19 17.35
N LYS A 391 11.00 -30.49 16.22
CA LYS A 391 11.95 -29.41 15.92
C LYS A 391 11.18 -28.08 15.82
N ASP A 392 11.44 -27.19 16.79
CA ASP A 392 10.85 -25.85 16.83
C ASP A 392 11.82 -24.86 16.17
N LYS A 393 11.63 -24.69 14.87
CA LYS A 393 12.73 -24.42 13.97
C LYS A 393 12.19 -23.67 12.73
N ASP A 394 13.03 -23.51 11.71
CA ASP A 394 12.62 -22.91 10.44
C ASP A 394 12.28 -24.02 9.46
N ILE A 395 12.24 -25.25 9.94
CA ILE A 395 11.65 -26.33 9.17
C ILE A 395 10.23 -25.94 8.69
N ARG A 396 9.50 -25.20 9.52
CA ARG A 396 8.22 -24.61 9.13
C ARG A 396 8.28 -23.68 7.91
N ARG A 397 9.26 -22.78 7.84
CA ARG A 397 9.40 -21.92 6.67
C ARG A 397 9.37 -22.74 5.39
N TRP A 398 9.95 -23.93 5.41
CA TRP A 398 10.02 -24.75 4.20
C TRP A 398 8.73 -25.53 3.93
N ALA A 399 8.18 -26.13 4.99
CA ALA A 399 6.86 -26.73 4.88
C ALA A 399 5.96 -25.80 4.07
N ALA A 400 6.01 -24.50 4.39
CA ALA A 400 5.09 -23.55 3.77
C ALA A 400 5.52 -23.14 2.39
N ASP A 401 6.81 -23.26 2.11
CA ASP A 401 7.25 -22.98 0.76
C ASP A 401 6.67 -24.08 -0.14
N GLY A 402 6.65 -25.30 0.40
CA GLY A 402 6.04 -26.44 -0.25
C GLY A 402 4.58 -26.21 -0.59
N LEU A 403 3.78 -25.88 0.42
CA LEU A 403 2.34 -25.62 0.23
C LEU A 403 2.02 -24.42 -0.67
N ALA A 404 3.01 -23.61 -0.98
CA ALA A 404 2.73 -22.51 -1.88
C ALA A 404 2.59 -23.07 -3.28
N TYR A 405 3.10 -24.28 -3.49
CA TYR A 405 2.97 -24.89 -4.81
C TYR A 405 1.83 -25.91 -4.84
N LEU A 406 1.80 -26.81 -3.85
CA LEU A 406 0.77 -27.82 -3.82
C LEU A 406 -0.65 -27.24 -3.75
N THR A 407 -0.76 -26.09 -3.11
CA THR A 407 -2.05 -25.52 -2.83
C THR A 407 -2.77 -24.97 -4.08
N LEU A 408 -2.16 -25.14 -5.23
CA LEU A 408 -2.85 -24.78 -6.45
C LEU A 408 -3.93 -25.82 -6.77
N ASP A 409 -3.75 -27.03 -6.21
CA ASP A 409 -4.67 -28.13 -6.42
C ASP A 409 -5.91 -27.98 -5.54
N ALA A 410 -7.09 -28.15 -6.12
CA ALA A 410 -8.32 -28.00 -5.35
C ALA A 410 -8.39 -28.85 -4.07
N GLU A 411 -8.15 -30.16 -4.18
CA GLU A 411 -8.28 -31.04 -3.03
C GLU A 411 -7.36 -30.60 -1.93
N CYS A 412 -6.22 -30.05 -2.32
CA CYS A 412 -5.22 -29.65 -1.34
C CYS A 412 -5.66 -28.45 -0.55
N LYS A 413 -6.09 -27.40 -1.25
CA LYS A 413 -6.70 -26.26 -0.61
C LYS A 413 -7.64 -26.78 0.45
N GLU A 414 -8.52 -27.70 0.05
CA GLU A 414 -9.54 -28.17 0.99
C GLU A 414 -9.04 -28.95 2.20
N LYS A 415 -8.08 -29.85 2.03
CA LYS A 415 -7.54 -30.52 3.21
C LYS A 415 -6.96 -29.49 4.17
N LEU A 416 -6.23 -28.54 3.60
CA LEU A 416 -5.50 -27.54 4.38
C LEU A 416 -6.42 -26.64 5.21
N ILE A 417 -7.45 -26.09 4.59
CA ILE A 417 -8.37 -25.23 5.31
C ILE A 417 -9.14 -25.99 6.40
N GLU A 418 -9.25 -27.31 6.26
CA GLU A 418 -9.93 -28.13 7.28
C GLU A 418 -8.99 -28.35 8.44
N ASP A 419 -7.69 -28.20 8.17
CA ASP A 419 -6.61 -28.57 9.08
C ASP A 419 -6.22 -27.44 10.02
N LYS A 420 -7.03 -27.21 11.05
CA LYS A 420 -6.86 -25.98 11.81
C LYS A 420 -5.48 -25.86 12.43
N ALA A 421 -4.89 -26.98 12.84
CA ALA A 421 -3.61 -26.91 13.50
C ALA A 421 -2.57 -26.28 12.56
N SER A 422 -2.75 -26.50 11.26
CA SER A 422 -1.80 -26.01 10.26
C SER A 422 -2.07 -24.56 9.93
N ILE A 423 -3.33 -24.17 9.98
CA ILE A 423 -3.65 -22.78 9.73
C ILE A 423 -3.05 -21.96 10.87
N HIS A 424 -3.03 -22.51 12.10
CA HIS A 424 -2.43 -21.78 13.21
C HIS A 424 -0.92 -21.72 13.06
N ALA A 425 -0.33 -22.83 12.67
CA ALA A 425 1.10 -22.86 12.45
C ALA A 425 1.48 -21.75 11.47
N LEU A 426 0.72 -21.66 10.39
CA LEU A 426 1.02 -20.68 9.36
C LEU A 426 0.83 -19.26 9.87
N MET A 427 -0.23 -19.04 10.65
CA MET A 427 -0.46 -17.74 11.26
C MET A 427 0.66 -17.37 12.22
N ASP A 428 1.04 -18.30 13.09
CA ASP A 428 2.11 -18.05 14.07
C ASP A 428 3.41 -17.65 13.36
N LEU A 429 3.65 -18.23 12.20
CA LEU A 429 4.82 -17.96 11.39
C LEU A 429 4.79 -16.52 10.87
N ALA A 430 3.70 -16.14 10.23
CA ALA A 430 3.60 -14.77 9.70
C ALA A 430 3.63 -13.78 10.85
N ARG A 431 2.86 -14.06 11.88
CA ARG A 431 2.76 -13.21 13.06
C ARG A 431 4.15 -12.88 13.64
N GLY A 432 5.05 -13.88 13.61
CA GLY A 432 6.43 -13.70 14.04
C GLY A 432 7.32 -12.89 13.11
N GLY A 433 6.72 -12.20 12.14
CA GLY A 433 7.39 -11.18 11.33
C GLY A 433 8.59 -11.60 10.49
N ASN A 434 9.02 -12.84 10.66
CA ASN A 434 10.22 -13.34 9.99
C ASN A 434 10.09 -13.23 8.46
N GLN A 435 10.88 -12.37 7.85
CA GLN A 435 10.69 -12.05 6.44
C GLN A 435 10.97 -13.17 5.45
N SER A 436 11.73 -14.18 5.87
CA SER A 436 12.12 -15.28 4.98
C SER A 436 10.97 -16.23 4.68
N CYS A 437 9.86 -16.08 5.38
CA CYS A 437 8.73 -16.98 5.18
C CYS A 437 7.55 -16.29 4.48
N LEU A 438 7.74 -15.03 4.07
CA LEU A 438 6.69 -14.26 3.41
C LEU A 438 6.18 -14.96 2.15
N TYR A 439 7.08 -15.25 1.21
CA TYR A 439 6.71 -15.92 -0.02
C TYR A 439 5.85 -17.15 0.21
N GLY A 440 6.38 -18.09 1.00
CA GLY A 440 5.67 -19.33 1.25
C GLY A 440 4.31 -19.15 1.91
N VAL A 441 4.30 -18.53 3.07
CA VAL A 441 3.06 -18.39 3.80
C VAL A 441 2.03 -17.56 3.04
N VAL A 442 2.43 -16.39 2.58
CA VAL A 442 1.46 -15.55 1.90
C VAL A 442 0.94 -16.16 0.60
N THR A 443 1.81 -16.76 -0.21
CA THR A 443 1.34 -17.44 -1.43
C THR A 443 0.31 -18.53 -1.07
N THR A 444 0.64 -19.38 -0.10
CA THR A 444 -0.34 -20.32 0.39
C THR A 444 -1.70 -19.63 0.70
N PHE A 445 -1.66 -18.48 1.38
CA PHE A 445 -2.91 -17.76 1.67
C PHE A 445 -3.59 -17.26 0.41
N VAL A 446 -2.80 -16.74 -0.53
CA VAL A 446 -3.35 -16.27 -1.79
C VAL A 446 -4.10 -17.40 -2.44
N ASN A 447 -3.45 -18.55 -2.54
CA ASN A 447 -4.05 -19.73 -3.14
C ASN A 447 -5.38 -20.13 -2.51
N LEU A 448 -5.39 -20.29 -1.18
CA LEU A 448 -6.63 -20.59 -0.45
C LEU A 448 -7.76 -19.59 -0.67
N CYS A 449 -7.44 -18.35 -1.05
CA CYS A 449 -8.44 -17.31 -1.25
C CYS A 449 -8.82 -17.18 -2.72
N ASN A 450 -8.16 -17.96 -3.56
CA ASN A 450 -8.36 -17.84 -4.98
C ASN A 450 -8.10 -16.40 -5.46
N ALA A 451 -7.03 -15.80 -4.95
CA ALA A 451 -6.74 -14.40 -5.22
C ALA A 451 -5.62 -14.20 -6.22
N TYR A 452 -5.14 -15.28 -6.82
CA TYR A 452 -4.13 -15.23 -7.87
C TYR A 452 -4.68 -14.62 -9.16
N GLU A 453 -3.83 -13.93 -9.91
CA GLU A 453 -4.26 -13.22 -11.13
C GLU A 453 -4.92 -14.21 -12.08
N LYS A 454 -6.16 -13.93 -12.46
CA LYS A 454 -6.88 -14.82 -13.35
C LYS A 454 -6.43 -14.63 -14.78
N GLN A 455 -6.86 -15.53 -15.67
CA GLN A 455 -6.64 -15.32 -17.09
C GLN A 455 -7.37 -14.05 -17.51
N GLU A 456 -6.60 -13.04 -17.91
CA GLU A 456 -7.21 -11.77 -18.31
C GLU A 456 -7.63 -11.78 -19.77
N MET A 457 -8.94 -11.79 -20.00
CA MET A 457 -9.49 -11.61 -21.35
C MET A 457 -9.96 -10.18 -21.53
N LEU A 458 -9.50 -9.52 -22.59
CA LEU A 458 -9.77 -8.11 -22.82
C LEU A 458 -10.64 -7.89 -24.06
N PRO A 459 -11.32 -6.74 -24.15
CA PRO A 459 -12.20 -6.48 -25.29
C PRO A 459 -11.54 -5.70 -26.42
N GLU A 460 -11.93 -6.02 -27.65
CA GLU A 460 -11.80 -5.08 -28.74
C GLU A 460 -12.86 -4.06 -28.38
N MET A 461 -12.57 -2.77 -28.55
CA MET A 461 -13.50 -1.73 -28.12
C MET A 461 -13.50 -1.60 -26.60
N ILE A 462 -12.35 -1.18 -26.05
CA ILE A 462 -12.22 -0.89 -24.63
C ILE A 462 -13.26 0.15 -24.22
N GLU A 463 -13.40 1.17 -25.05
CA GLU A 463 -14.27 2.31 -24.78
C GLU A 463 -15.74 1.94 -24.56
N LEU A 464 -16.11 0.69 -24.87
CA LEU A 464 -17.50 0.29 -24.76
C LEU A 464 -17.76 -0.71 -23.66
N ALA A 465 -16.73 -1.06 -22.93
CA ALA A 465 -16.80 -2.12 -21.93
C ALA A 465 -17.89 -1.90 -20.88
N LYS A 466 -18.14 -0.64 -20.55
CA LYS A 466 -19.00 -0.37 -19.40
C LYS A 466 -20.39 0.12 -19.81
N PHE A 467 -20.55 0.42 -21.09
CA PHE A 467 -21.74 1.11 -21.59
C PHE A 467 -23.04 0.33 -21.58
N ALA A 468 -24.06 0.91 -20.94
CA ALA A 468 -25.40 0.36 -20.94
C ALA A 468 -25.57 -0.85 -20.03
N LYS A 469 -24.50 -1.25 -19.34
CA LYS A 469 -24.59 -2.47 -18.55
C LYS A 469 -25.54 -2.32 -17.37
N GLN A 470 -26.17 -3.42 -16.98
CA GLN A 470 -27.27 -3.37 -16.04
C GLN A 470 -26.97 -4.22 -14.83
N HIS A 471 -25.77 -4.79 -14.81
CA HIS A 471 -25.36 -5.75 -13.79
C HIS A 471 -23.82 -5.79 -13.75
N ILE A 472 -23.25 -5.93 -12.57
CA ILE A 472 -21.79 -6.03 -12.43
C ILE A 472 -21.37 -7.47 -12.14
N PRO A 473 -20.56 -8.03 -13.03
CA PRO A 473 -20.01 -9.39 -13.03
C PRO A 473 -19.41 -9.81 -11.70
N GLU A 474 -19.95 -10.88 -11.10
CA GLU A 474 -19.36 -11.53 -9.93
C GLU A 474 -17.88 -11.86 -10.17
N GLU A 475 -17.06 -11.73 -9.12
CA GLU A 475 -15.65 -12.08 -9.29
C GLU A 475 -15.45 -13.59 -9.52
N HIS A 476 -16.21 -14.42 -8.80
CA HIS A 476 -16.12 -15.88 -8.94
C HIS A 476 -17.33 -16.58 -9.60
N GLU A 477 -17.09 -17.64 -10.35
CA GLU A 477 -18.17 -18.42 -10.94
C GLU A 477 -18.99 -19.02 -9.82
N LEU A 478 -20.30 -19.14 -10.04
CA LEU A 478 -21.27 -19.44 -8.96
C LEU A 478 -21.07 -20.72 -8.11
N ASP A 479 -20.54 -21.78 -8.72
CA ASP A 479 -20.24 -23.00 -7.98
C ASP A 479 -19.16 -22.81 -6.89
N ASP A 480 -18.02 -22.28 -7.33
CA ASP A 480 -16.87 -22.01 -6.49
C ASP A 480 -17.19 -21.12 -5.30
N VAL A 481 -18.03 -20.12 -5.50
CA VAL A 481 -18.10 -19.00 -4.59
C VAL A 481 -18.20 -19.36 -3.12
N ASP A 482 -19.16 -20.18 -2.75
CA ASP A 482 -19.42 -20.38 -1.33
C ASP A 482 -18.31 -21.10 -0.58
N PHE A 483 -17.65 -22.05 -1.24
CA PHE A 483 -16.47 -22.71 -0.70
C PHE A 483 -15.31 -21.72 -0.48
N ILE A 484 -15.07 -20.90 -1.49
CA ILE A 484 -14.10 -19.84 -1.41
C ILE A 484 -14.39 -18.93 -0.22
N ASN A 485 -15.62 -18.48 -0.08
CA ASN A 485 -15.93 -17.59 1.03
C ASN A 485 -15.80 -18.24 2.39
N LYS A 486 -16.14 -19.51 2.50
CA LYS A 486 -15.97 -20.22 3.78
C LYS A 486 -14.51 -20.22 4.17
N ARG A 487 -13.65 -20.37 3.17
CA ARG A 487 -12.20 -20.39 3.32
C ARG A 487 -11.62 -19.04 3.77
N ILE A 488 -12.00 -17.98 3.03
CA ILE A 488 -11.56 -16.64 3.37
C ILE A 488 -12.00 -16.29 4.77
N THR A 489 -13.19 -16.72 5.17
CA THR A 489 -13.63 -16.49 6.53
C THR A 489 -12.73 -17.17 7.60
N VAL A 490 -12.31 -18.42 7.39
CA VAL A 490 -11.54 -19.05 8.45
C VAL A 490 -10.20 -18.36 8.59
N LEU A 491 -9.73 -17.78 7.49
CA LEU A 491 -8.47 -17.04 7.56
C LEU A 491 -8.68 -15.75 8.34
N ALA A 492 -9.69 -14.99 7.94
CA ALA A 492 -9.98 -13.72 8.57
C ALA A 492 -10.15 -13.93 10.07
N ASN A 493 -10.72 -15.07 10.41
CA ASN A 493 -11.09 -15.33 11.78
C ASN A 493 -9.94 -15.74 12.68
N GLU A 494 -8.87 -16.29 12.11
CA GLU A 494 -7.66 -16.59 12.88
C GLU A 494 -6.68 -15.41 12.80
N GLY A 495 -7.23 -14.22 12.62
CA GLY A 495 -6.43 -13.01 12.61
C GLY A 495 -5.39 -12.92 11.51
N ILE A 496 -5.81 -13.14 10.27
CA ILE A 496 -4.89 -13.02 9.16
C ILE A 496 -4.51 -11.57 8.91
N THR A 497 -5.33 -10.63 9.36
CA THR A 497 -4.97 -9.23 9.11
C THR A 497 -3.76 -8.82 9.95
N THR A 498 -3.74 -9.17 11.24
CA THR A 498 -2.61 -8.78 12.07
C THR A 498 -1.37 -9.49 11.57
N ALA A 499 -1.52 -10.78 11.28
CA ALA A 499 -0.42 -11.58 10.78
C ALA A 499 0.18 -11.01 9.49
N LEU A 500 -0.64 -10.55 8.56
CA LEU A 500 -0.05 -10.00 7.34
C LEU A 500 0.54 -8.62 7.58
N CYS A 501 -0.08 -7.81 8.42
CA CYS A 501 0.52 -6.53 8.76
C CYS A 501 1.93 -6.72 9.32
N ALA A 502 2.10 -7.72 10.19
CA ALA A 502 3.43 -8.08 10.68
C ALA A 502 4.46 -8.18 9.55
N LEU A 503 4.08 -8.84 8.46
CA LEU A 503 4.98 -9.05 7.33
C LEU A 503 5.07 -7.85 6.41
N ALA A 504 4.09 -6.96 6.44
CA ALA A 504 3.97 -5.90 5.45
C ALA A 504 5.19 -4.98 5.51
N LYS A 505 5.91 -5.10 6.61
CA LYS A 505 7.19 -4.44 6.81
C LYS A 505 8.07 -4.50 5.53
N THR A 506 7.87 -5.52 4.69
CA THR A 506 8.73 -5.77 3.54
C THR A 506 8.84 -4.58 2.55
N GLU A 507 9.95 -4.49 1.83
CA GLU A 507 10.15 -3.40 0.87
C GLU A 507 9.95 -3.91 -0.54
N SER A 508 9.66 -5.20 -0.65
CA SER A 508 9.47 -5.86 -1.94
C SER A 508 8.11 -5.54 -2.58
N HIS A 509 8.11 -5.01 -3.79
CA HIS A 509 6.82 -4.76 -4.42
C HIS A 509 6.05 -6.06 -4.70
N ASN A 510 6.79 -7.10 -5.09
CA ASN A 510 6.17 -8.38 -5.39
C ASN A 510 5.65 -9.06 -4.13
N SER A 511 6.31 -8.79 -3.01
CA SER A 511 5.88 -9.36 -1.76
C SER A 511 4.66 -8.61 -1.30
N GLN A 512 4.65 -7.30 -1.55
CA GLN A 512 3.48 -6.50 -1.20
C GLN A 512 2.28 -6.90 -2.07
N GLU A 513 2.52 -7.25 -3.32
CA GLU A 513 1.41 -7.69 -4.14
C GLU A 513 0.72 -8.90 -3.54
N LEU A 514 1.49 -9.87 -3.06
CA LEU A 514 0.86 -11.05 -2.48
C LEU A 514 -0.03 -10.62 -1.31
N ILE A 515 0.54 -9.83 -0.41
CA ILE A 515 -0.18 -9.39 0.77
C ILE A 515 -1.44 -8.62 0.39
N ALA A 516 -1.32 -7.79 -0.65
CA ALA A 516 -2.43 -6.94 -1.09
C ALA A 516 -3.55 -7.81 -1.63
N ARG A 517 -3.17 -8.91 -2.28
CA ARG A 517 -4.15 -9.84 -2.81
C ARG A 517 -4.95 -10.49 -1.70
N VAL A 518 -4.29 -10.93 -0.64
CA VAL A 518 -5.01 -11.62 0.42
C VAL A 518 -5.94 -10.65 1.17
N LEU A 519 -5.49 -9.42 1.35
CA LEU A 519 -6.30 -8.48 2.11
C LEU A 519 -7.53 -8.03 1.32
N ASN A 520 -7.34 -7.76 0.04
CA ASN A 520 -8.44 -7.46 -0.86
C ASN A 520 -9.47 -8.57 -0.79
N ALA A 521 -9.00 -9.80 -0.95
CA ALA A 521 -9.86 -10.98 -0.87
C ALA A 521 -10.73 -10.99 0.36
N VAL A 522 -10.16 -10.65 1.50
CA VAL A 522 -10.92 -10.61 2.74
C VAL A 522 -11.95 -9.49 2.68
N CYS A 523 -11.53 -8.33 2.18
CA CYS A 523 -12.41 -7.17 2.14
C CYS A 523 -13.57 -7.35 1.18
N GLY A 524 -13.38 -8.26 0.23
CA GLY A 524 -14.46 -8.69 -0.64
C GLY A 524 -15.69 -9.19 0.11
N LEU A 525 -15.52 -9.63 1.36
CA LEU A 525 -16.68 -9.94 2.19
C LEU A 525 -17.01 -8.80 3.17
N LYS A 526 -18.15 -8.15 2.98
CA LYS A 526 -18.46 -6.98 3.81
C LYS A 526 -18.43 -7.24 5.31
N GLU A 527 -18.96 -8.38 5.76
CA GLU A 527 -18.93 -8.72 7.19
C GLU A 527 -17.53 -8.69 7.80
N LEU A 528 -16.52 -8.95 6.98
CA LEU A 528 -15.14 -8.97 7.45
C LEU A 528 -14.42 -7.61 7.40
N ARG A 529 -14.99 -6.64 6.70
CA ARG A 529 -14.37 -5.32 6.62
C ARG A 529 -14.09 -4.76 8.00
N GLY A 530 -15.08 -4.83 8.88
CA GLY A 530 -14.88 -4.46 10.28
C GLY A 530 -13.58 -4.95 10.89
N LYS A 531 -13.43 -6.27 11.02
CA LYS A 531 -12.19 -6.88 11.50
C LYS A 531 -10.92 -6.26 10.90
N VAL A 532 -10.82 -6.27 9.58
CA VAL A 532 -9.63 -5.79 8.89
C VAL A 532 -9.21 -4.41 9.37
N VAL A 533 -10.18 -3.53 9.54
CA VAL A 533 -9.91 -2.18 9.98
C VAL A 533 -9.36 -2.20 11.38
N GLN A 534 -9.99 -2.99 12.23
CA GLN A 534 -9.64 -3.01 13.64
C GLN A 534 -8.34 -3.77 13.93
N GLU A 535 -7.87 -4.57 12.97
CA GLU A 535 -6.56 -5.22 13.14
C GLU A 535 -5.43 -4.45 12.45
N GLY A 536 -5.68 -3.18 12.14
CA GLY A 536 -4.68 -2.31 11.57
C GLY A 536 -4.52 -2.37 10.06
N GLY A 537 -5.59 -2.76 9.37
CA GLY A 537 -5.48 -3.00 7.95
C GLY A 537 -5.28 -1.76 7.12
N VAL A 538 -5.86 -0.63 7.54
CA VAL A 538 -5.87 0.55 6.69
C VAL A 538 -4.50 1.15 6.50
N LYS A 539 -3.68 1.16 7.54
CA LYS A 539 -2.35 1.76 7.42
C LYS A 539 -1.50 0.95 6.45
N ALA A 540 -1.55 -0.38 6.57
CA ALA A 540 -0.77 -1.25 5.70
C ALA A 540 -1.19 -1.06 4.26
N LEU A 541 -2.49 -1.17 4.01
CA LEU A 541 -3.03 -1.09 2.64
C LEU A 541 -2.75 0.28 2.00
N LEU A 542 -2.82 1.33 2.80
CA LEU A 542 -2.56 2.66 2.30
C LEU A 542 -1.12 2.74 1.77
N ARG A 543 -0.19 2.19 2.51
CA ARG A 543 1.18 2.18 2.01
C ARG A 543 1.21 1.41 0.71
N MET A 544 0.56 0.25 0.69
CA MET A 544 0.68 -0.68 -0.42
C MET A 544 0.00 -0.14 -1.67
N ALA A 545 -0.97 0.76 -1.46
CA ALA A 545 -1.68 1.41 -2.56
C ALA A 545 -0.89 2.51 -3.25
N LEU A 546 0.10 3.05 -2.55
CA LEU A 546 0.88 4.20 -3.02
C LEU A 546 2.23 3.84 -3.66
N GLU A 547 2.71 2.65 -3.38
CA GLU A 547 4.03 2.26 -3.81
C GLU A 547 3.90 0.75 -3.99
N GLY A 548 4.13 0.27 -5.22
CA GLY A 548 4.15 -1.17 -5.45
C GLY A 548 4.14 -1.64 -6.89
N THR A 549 3.63 -2.83 -7.11
CA THR A 549 3.33 -3.31 -8.46
C THR A 549 2.10 -2.59 -9.00
N GLU A 550 2.02 -2.41 -10.31
CA GLU A 550 0.82 -1.80 -10.87
C GLU A 550 -0.35 -2.62 -10.38
N LYS A 551 -0.22 -3.93 -10.47
CA LYS A 551 -1.26 -4.83 -10.00
C LYS A 551 -1.42 -4.79 -8.49
N GLY A 552 -0.30 -4.82 -7.76
CA GLY A 552 -0.35 -4.79 -6.31
C GLY A 552 -1.06 -3.56 -5.76
N LYS A 553 -0.72 -2.41 -6.32
CA LYS A 553 -1.34 -1.14 -5.93
C LYS A 553 -2.85 -1.20 -6.18
N ARG A 554 -3.22 -1.69 -7.36
CA ARG A 554 -4.64 -1.87 -7.72
C ARG A 554 -5.35 -2.64 -6.62
N HIS A 555 -4.87 -3.86 -6.32
CA HIS A 555 -5.55 -4.68 -5.32
C HIS A 555 -5.67 -3.98 -3.97
N ALA A 556 -4.60 -3.32 -3.54
CA ALA A 556 -4.59 -2.63 -2.26
C ALA A 556 -5.56 -1.47 -2.25
N THR A 557 -5.58 -0.68 -3.32
CA THR A 557 -6.56 0.38 -3.45
C THR A 557 -8.01 -0.15 -3.40
N GLN A 558 -8.33 -1.17 -4.19
CA GLN A 558 -9.68 -1.74 -4.15
C GLN A 558 -10.07 -2.25 -2.76
N ALA A 559 -9.12 -2.78 -2.01
CA ALA A 559 -9.44 -3.24 -0.67
C ALA A 559 -9.79 -2.06 0.24
N LEU A 560 -9.12 -0.94 0.00
CA LEU A 560 -9.43 0.30 0.70
C LEU A 560 -10.78 0.85 0.27
N ALA A 561 -11.05 0.81 -1.03
CA ALA A 561 -12.35 1.22 -1.53
C ALA A 561 -13.40 0.45 -0.76
N ARG A 562 -13.23 -0.87 -0.67
CA ARG A 562 -14.23 -1.71 0.00
C ARG A 562 -14.44 -1.32 1.47
N ILE A 563 -13.36 -1.16 2.22
CA ILE A 563 -13.46 -0.70 3.59
C ILE A 563 -14.21 0.64 3.66
N GLY A 564 -13.98 1.49 2.66
CA GLY A 564 -14.57 2.82 2.64
C GLY A 564 -16.08 2.82 2.47
N ILE A 565 -16.58 1.79 1.79
CA ILE A 565 -18.00 1.63 1.52
C ILE A 565 -18.76 1.26 2.79
N THR A 566 -18.10 0.52 3.68
CA THR A 566 -18.78 -0.15 4.78
C THR A 566 -18.44 0.35 6.18
N ILE A 567 -17.20 0.81 6.38
CA ILE A 567 -16.82 1.44 7.63
C ILE A 567 -16.68 2.91 7.28
N ASN A 568 -17.53 3.73 7.89
CA ASN A 568 -17.61 5.14 7.51
C ASN A 568 -16.21 5.76 7.47
N PRO A 569 -15.94 6.59 6.45
CA PRO A 569 -14.57 7.05 6.23
C PRO A 569 -14.11 8.01 7.33
N GLU A 570 -15.05 8.63 8.04
CA GLU A 570 -14.72 9.52 9.13
C GLU A 570 -14.04 8.76 10.27
N VAL A 571 -14.11 7.43 10.20
CA VAL A 571 -13.57 6.52 11.21
C VAL A 571 -12.40 5.70 10.67
N SER A 572 -12.61 5.10 9.50
CA SER A 572 -11.60 4.25 8.88
C SER A 572 -10.48 5.02 8.20
N PHE A 573 -10.73 6.29 7.90
CA PHE A 573 -9.78 7.13 7.15
C PHE A 573 -9.58 8.54 7.73
N SER A 574 -9.68 8.69 9.05
CA SER A 574 -9.30 9.96 9.66
C SER A 574 -7.85 9.80 9.99
N GLY A 575 -7.08 10.85 9.86
CA GLY A 575 -7.54 12.08 9.26
C GLY A 575 -6.68 12.31 8.04
N GLN A 576 -5.35 12.36 8.20
CA GLN A 576 -4.46 12.52 7.04
C GLN A 576 -4.74 11.45 5.98
N ARG A 577 -5.11 10.26 6.44
CA ARG A 577 -5.47 9.17 5.55
C ARG A 577 -6.57 9.51 4.54
N SER A 578 -7.61 10.20 4.98
CA SER A 578 -8.70 10.55 4.07
C SER A 578 -8.19 11.37 2.88
N LEU A 579 -7.04 12.01 3.02
CA LEU A 579 -6.51 12.77 1.91
C LEU A 579 -5.57 11.92 1.07
N ASP A 580 -4.78 11.09 1.73
CA ASP A 580 -3.75 10.36 1.03
C ASP A 580 -4.34 9.37 0.07
N VAL A 581 -5.49 8.82 0.43
CA VAL A 581 -6.16 7.77 -0.34
C VAL A 581 -6.79 8.20 -1.67
N ILE A 582 -7.05 9.48 -1.83
CA ILE A 582 -7.81 9.98 -2.98
C ILE A 582 -7.14 9.69 -4.32
N ARG A 583 -5.83 9.88 -4.40
CA ARG A 583 -5.10 9.67 -5.64
C ARG A 583 -5.25 8.22 -6.15
N PRO A 584 -4.94 7.23 -5.28
CA PRO A 584 -5.12 5.81 -5.61
C PRO A 584 -6.54 5.45 -6.03
N LEU A 585 -7.56 5.95 -5.33
CA LEU A 585 -8.94 5.65 -5.68
C LEU A 585 -9.31 6.20 -7.06
N LEU A 586 -8.81 7.37 -7.40
CA LEU A 586 -9.13 7.93 -8.70
C LEU A 586 -8.53 7.08 -9.79
N ASN A 587 -7.59 6.23 -9.42
CA ASN A 587 -6.94 5.43 -10.42
C ASN A 587 -7.74 4.20 -10.73
N LEU A 588 -8.63 3.84 -9.80
CA LEU A 588 -9.55 2.75 -10.04
C LEU A 588 -10.67 3.21 -10.98
N LEU A 589 -10.65 4.48 -11.36
CA LEU A 589 -11.72 5.00 -12.20
C LEU A 589 -11.36 4.99 -13.67
N GLN A 590 -10.25 4.36 -14.02
CA GLN A 590 -9.82 4.44 -15.41
C GLN A 590 -10.41 3.33 -16.24
N GLN A 591 -10.41 3.53 -17.56
CA GLN A 591 -11.16 2.67 -18.48
C GLN A 591 -10.73 1.22 -18.43
N ASP A 592 -9.47 0.99 -18.05
CA ASP A 592 -8.91 -0.36 -18.10
C ASP A 592 -9.14 -1.15 -16.81
N CYS A 593 -9.84 -0.54 -15.87
CA CYS A 593 -10.23 -1.27 -14.67
C CYS A 593 -11.57 -1.95 -14.85
N THR A 594 -11.91 -2.85 -13.93
CA THR A 594 -13.17 -3.58 -14.06
C THR A 594 -14.33 -2.72 -13.59
N ALA A 595 -15.52 -3.04 -14.05
CA ALA A 595 -16.70 -2.32 -13.59
C ALA A 595 -16.81 -2.37 -12.07
N LEU A 596 -16.43 -3.50 -11.47
CA LEU A 596 -16.44 -3.60 -10.02
C LEU A 596 -15.44 -2.62 -9.37
N GLU A 597 -14.24 -2.52 -9.93
CA GLU A 597 -13.29 -1.55 -9.40
C GLU A 597 -13.84 -0.13 -9.54
N ASN A 598 -14.40 0.20 -10.70
CA ASN A 598 -15.03 1.50 -10.87
C ASN A 598 -16.13 1.73 -9.83
N PHE A 599 -16.97 0.73 -9.65
CA PHE A 599 -18.11 0.92 -8.79
C PHE A 599 -17.62 1.14 -7.35
N GLU A 600 -16.82 0.23 -6.81
CA GLU A 600 -16.37 0.35 -5.44
C GLU A 600 -15.57 1.64 -5.20
N SER A 601 -14.92 2.16 -6.23
CA SER A 601 -14.26 3.44 -6.10
C SER A 601 -15.30 4.57 -5.99
N LEU A 602 -16.15 4.71 -7.00
CA LEU A 602 -17.21 5.71 -6.97
C LEU A 602 -17.93 5.75 -5.63
N MET A 603 -18.26 4.58 -5.11
CA MET A 603 -18.97 4.50 -3.83
C MET A 603 -18.18 5.07 -2.65
N ALA A 604 -16.93 4.64 -2.53
CA ALA A 604 -16.01 5.16 -1.52
C ALA A 604 -15.76 6.65 -1.70
N LEU A 605 -15.49 7.08 -2.92
CA LEU A 605 -15.30 8.51 -3.15
C LEU A 605 -16.52 9.33 -2.73
N THR A 606 -17.72 8.81 -2.98
CA THR A 606 -18.94 9.47 -2.52
C THR A 606 -18.88 9.62 -1.01
N ASN A 607 -18.52 8.54 -0.32
CA ASN A 607 -18.44 8.62 1.13
C ASN A 607 -17.41 9.60 1.59
N LEU A 608 -16.22 9.55 0.99
CA LEU A 608 -15.12 10.46 1.30
C LEU A 608 -15.48 11.94 1.05
N ALA A 609 -16.17 12.20 -0.07
CA ALA A 609 -16.56 13.56 -0.44
C ALA A 609 -17.55 14.16 0.54
N SER A 610 -18.06 13.34 1.44
CA SER A 610 -19.09 13.81 2.34
C SER A 610 -18.49 14.34 3.63
N MET A 611 -17.18 14.19 3.77
CA MET A 611 -16.56 14.46 5.05
C MET A 611 -16.43 15.93 5.34
N ASN A 612 -15.51 16.58 4.65
CA ASN A 612 -15.22 17.97 4.91
C ASN A 612 -14.84 18.64 3.61
N GLU A 613 -14.62 19.95 3.64
CA GLU A 613 -14.31 20.67 2.42
C GLU A 613 -12.89 20.32 2.04
N SER A 614 -12.18 19.73 2.98
CA SER A 614 -10.78 19.45 2.79
C SER A 614 -10.58 18.27 1.83
N VAL A 615 -11.38 17.22 2.02
CA VAL A 615 -11.30 16.03 1.20
C VAL A 615 -11.84 16.31 -0.17
N ARG A 616 -12.91 17.08 -0.24
CA ARG A 616 -13.45 17.50 -1.55
C ARG A 616 -12.36 18.22 -2.33
N GLN A 617 -11.64 19.08 -1.62
CA GLN A 617 -10.58 19.92 -2.17
C GLN A 617 -9.49 19.05 -2.83
N ARG A 618 -9.05 17.99 -2.15
CA ARG A 618 -8.05 17.08 -2.70
C ARG A 618 -8.56 16.34 -3.92
N ILE A 619 -9.82 15.91 -3.84
CA ILE A 619 -10.46 15.26 -4.98
C ILE A 619 -10.42 16.19 -6.18
N ILE A 620 -10.77 17.46 -5.98
CA ILE A 620 -10.73 18.42 -7.10
C ILE A 620 -9.33 18.63 -7.71
N LYS A 621 -8.36 18.94 -6.86
CA LYS A 621 -7.00 19.21 -7.30
C LYS A 621 -6.42 18.06 -8.10
N GLU A 622 -6.89 16.85 -7.85
CA GLU A 622 -6.39 15.68 -8.57
C GLU A 622 -7.23 15.31 -9.79
N GLN A 623 -7.86 16.31 -10.43
CA GLN A 623 -8.58 16.13 -11.69
C GLN A 623 -9.81 15.28 -11.51
N GLY A 624 -10.13 14.98 -10.27
CA GLY A 624 -11.17 14.00 -9.95
C GLY A 624 -12.55 14.30 -10.50
N VAL A 625 -12.92 15.58 -10.63
CA VAL A 625 -14.27 15.86 -11.08
C VAL A 625 -14.55 15.24 -12.45
N SER A 626 -13.66 15.43 -13.41
CA SER A 626 -13.87 14.89 -14.75
C SER A 626 -13.71 13.38 -14.80
N LYS A 627 -12.88 12.84 -13.91
CA LYS A 627 -12.69 11.40 -13.90
C LYS A 627 -13.98 10.72 -13.48
N ILE A 628 -14.68 11.28 -12.49
CA ILE A 628 -15.94 10.77 -11.98
C ILE A 628 -17.08 11.00 -12.96
N GLU A 629 -17.11 12.21 -13.49
CA GLU A 629 -18.12 12.66 -14.43
C GLU A 629 -18.31 11.72 -15.57
N TYR A 630 -17.21 11.19 -16.08
CA TYR A 630 -17.24 10.26 -17.22
C TYR A 630 -18.36 9.23 -17.09
N TYR A 631 -18.56 8.71 -15.88
CA TYR A 631 -19.53 7.64 -15.68
C TYR A 631 -20.98 8.07 -15.83
N LEU A 632 -21.26 9.36 -15.77
CA LEU A 632 -22.62 9.85 -15.99
C LEU A 632 -23.03 9.65 -17.43
N MET A 633 -22.07 9.54 -18.33
CA MET A 633 -22.40 9.36 -19.74
C MET A 633 -22.50 7.89 -20.18
N GLU A 634 -21.98 6.97 -19.39
CA GLU A 634 -22.30 5.56 -19.59
C GLU A 634 -23.76 5.41 -19.17
N ASP A 635 -24.47 4.40 -19.61
CA ASP A 635 -25.86 4.39 -19.18
C ASP A 635 -25.90 3.26 -18.22
N HIS A 636 -24.90 3.25 -17.36
CA HIS A 636 -24.64 2.10 -16.51
C HIS A 636 -25.42 2.22 -15.23
N LEU A 637 -26.25 1.22 -14.95
CA LEU A 637 -27.23 1.34 -13.89
C LEU A 637 -26.59 1.54 -12.52
N TYR A 638 -25.42 0.97 -12.30
CA TYR A 638 -24.72 1.18 -11.03
C TYR A 638 -23.64 2.25 -11.11
N LEU A 639 -22.84 2.21 -12.16
CA LEU A 639 -21.77 3.20 -12.30
C LEU A 639 -22.33 4.63 -12.34
N THR A 640 -23.38 4.84 -13.11
CA THR A 640 -23.96 6.17 -13.24
C THR A 640 -24.63 6.64 -11.95
N ARG A 641 -25.32 5.73 -11.28
CA ARG A 641 -25.91 6.10 -10.01
C ARG A 641 -24.83 6.56 -9.04
N ALA A 642 -23.84 5.70 -8.82
CA ALA A 642 -22.72 6.04 -7.97
C ALA A 642 -22.09 7.38 -8.34
N ALA A 643 -21.78 7.57 -9.62
CA ALA A 643 -21.21 8.84 -10.06
C ALA A 643 -22.13 10.00 -9.72
N ALA A 644 -23.43 9.86 -9.97
CA ALA A 644 -24.32 10.97 -9.69
C ALA A 644 -24.29 11.24 -8.20
N GLN A 645 -24.46 10.19 -7.41
CA GLN A 645 -24.40 10.29 -5.95
C GLN A 645 -23.12 10.96 -5.43
N CYS A 646 -22.00 10.64 -6.06
CA CYS A 646 -20.74 11.21 -5.64
C CYS A 646 -20.81 12.68 -5.97
N LEU A 647 -21.18 12.99 -7.21
CA LEU A 647 -21.20 14.36 -7.66
C LEU A 647 -22.08 15.26 -6.79
N CYS A 648 -23.13 14.68 -6.24
CA CYS A 648 -24.04 15.40 -5.37
C CYS A 648 -23.37 15.84 -4.07
N ASN A 649 -22.21 15.26 -3.79
CA ASN A 649 -21.49 15.66 -2.59
C ASN A 649 -20.33 16.59 -2.92
N LEU A 650 -19.81 16.50 -4.13
CA LEU A 650 -18.80 17.43 -4.60
C LEU A 650 -19.33 18.85 -4.76
N VAL A 651 -20.59 19.00 -5.15
CA VAL A 651 -21.11 20.35 -5.38
C VAL A 651 -21.24 21.13 -4.07
N MET A 652 -20.91 20.49 -2.96
CA MET A 652 -20.84 21.22 -1.72
C MET A 652 -19.65 22.17 -1.69
N SER A 653 -18.62 21.89 -2.49
CA SER A 653 -17.47 22.77 -2.60
C SER A 653 -17.66 23.83 -3.69
N GLU A 654 -17.56 25.11 -3.32
CA GLU A 654 -17.69 26.21 -4.26
C GLU A 654 -16.76 26.08 -5.48
N ASP A 655 -15.59 25.47 -5.28
CA ASP A 655 -14.64 25.30 -6.37
C ASP A 655 -15.21 24.42 -7.47
N VAL A 656 -15.98 23.42 -7.08
CA VAL A 656 -16.68 22.58 -8.04
C VAL A 656 -17.76 23.38 -8.77
N ILE A 657 -18.52 24.15 -8.00
CA ILE A 657 -19.53 25.04 -8.58
C ILE A 657 -18.92 25.88 -9.71
N LYS A 658 -17.76 26.47 -9.48
CA LYS A 658 -17.10 27.25 -10.51
C LYS A 658 -16.87 26.43 -11.78
N MET A 659 -16.75 25.13 -11.65
CA MET A 659 -16.62 24.30 -12.84
C MET A 659 -17.92 24.29 -13.61
N PHE A 660 -19.03 24.33 -12.91
CA PHE A 660 -20.30 24.30 -13.62
C PHE A 660 -20.57 25.63 -14.28
N GLU A 661 -19.89 26.67 -13.81
CA GLU A 661 -20.11 28.02 -14.33
C GLU A 661 -19.45 28.24 -15.69
N GLY A 662 -18.41 27.45 -15.99
CA GLY A 662 -17.61 27.59 -17.19
C GLY A 662 -18.26 27.34 -18.53
N ASN A 663 -17.45 27.13 -19.55
CA ASN A 663 -17.98 26.80 -20.88
C ASN A 663 -18.00 25.33 -21.18
N ASN A 664 -19.11 24.71 -20.84
CA ASN A 664 -19.25 23.29 -21.01
C ASN A 664 -20.68 22.92 -20.83
N ASP A 665 -20.93 21.63 -20.93
CA ASP A 665 -22.29 21.16 -20.87
C ASP A 665 -22.55 20.47 -19.56
N ARG A 666 -21.79 20.80 -18.52
CA ARG A 666 -22.05 20.27 -17.19
C ARG A 666 -23.47 20.61 -16.72
N VAL A 667 -23.91 21.86 -16.88
CA VAL A 667 -25.26 22.16 -16.42
C VAL A 667 -26.27 21.46 -17.31
N LYS A 668 -26.05 21.47 -18.63
CA LYS A 668 -26.94 20.76 -19.56
C LYS A 668 -27.14 19.31 -19.13
N PHE A 669 -26.08 18.51 -19.16
CA PHE A 669 -26.22 17.09 -18.89
C PHE A 669 -26.69 16.74 -17.49
N LEU A 670 -26.32 17.54 -16.50
CA LEU A 670 -26.83 17.31 -15.16
C LEU A 670 -28.33 17.53 -15.15
N ALA A 671 -28.80 18.48 -15.93
CA ALA A 671 -30.23 18.72 -15.99
C ALA A 671 -30.97 17.58 -16.71
N LEU A 672 -30.36 17.04 -17.75
CA LEU A 672 -30.96 15.95 -18.51
C LEU A 672 -30.98 14.67 -17.69
N LEU A 673 -29.96 14.49 -16.85
CA LEU A 673 -29.95 13.34 -15.97
C LEU A 673 -31.12 13.37 -14.98
N CYS A 674 -31.78 14.51 -14.85
CA CYS A 674 -32.89 14.62 -13.92
C CYS A 674 -34.09 13.80 -14.39
N GLU A 675 -34.16 13.54 -15.69
CA GLU A 675 -35.25 12.73 -16.20
C GLU A 675 -34.91 11.22 -16.20
N ASP A 676 -33.97 10.79 -15.38
CA ASP A 676 -33.46 9.43 -15.49
C ASP A 676 -34.42 8.43 -14.91
N GLU A 677 -34.54 7.27 -15.56
CA GLU A 677 -35.45 6.24 -15.11
C GLU A 677 -35.13 5.65 -13.73
N ASP A 678 -33.86 5.65 -13.34
CA ASP A 678 -33.48 5.10 -12.06
C ASP A 678 -33.65 6.15 -10.99
N GLU A 679 -34.49 5.89 -10.00
CA GLU A 679 -34.84 6.94 -9.03
C GLU A 679 -33.61 7.54 -8.35
N GLU A 680 -32.77 6.69 -7.76
CA GLU A 680 -31.59 7.18 -7.06
C GLU A 680 -30.71 8.01 -7.98
N THR A 681 -30.53 7.60 -9.23
CA THR A 681 -29.72 8.41 -10.12
C THR A 681 -30.39 9.76 -10.32
N ALA A 682 -31.67 9.76 -10.66
CA ALA A 682 -32.40 11.00 -10.83
C ALA A 682 -32.42 11.85 -9.55
N THR A 683 -32.50 11.20 -8.40
CA THR A 683 -32.52 11.94 -7.15
C THR A 683 -31.21 12.69 -6.87
N ALA A 684 -30.08 12.03 -7.10
CA ALA A 684 -28.75 12.63 -6.86
C ALA A 684 -28.57 13.84 -7.77
N CYS A 685 -28.93 13.68 -9.04
CA CYS A 685 -28.81 14.78 -9.97
C CYS A 685 -29.68 15.99 -9.62
N ALA A 686 -30.97 15.81 -9.40
CA ALA A 686 -31.80 16.94 -9.05
C ALA A 686 -31.36 17.52 -7.70
N GLY A 687 -30.88 16.65 -6.82
CA GLY A 687 -30.31 17.13 -5.58
C GLY A 687 -29.13 18.04 -5.84
N ALA A 688 -28.16 17.53 -6.58
CA ALA A 688 -26.97 18.30 -6.94
C ALA A 688 -27.34 19.62 -7.60
N LEU A 689 -28.20 19.58 -8.60
CA LEU A 689 -28.56 20.81 -9.33
C LEU A 689 -29.30 21.79 -8.44
N ALA A 690 -30.00 21.28 -7.42
CA ALA A 690 -30.65 22.16 -6.46
C ALA A 690 -29.55 22.90 -5.71
N ILE A 691 -28.57 22.15 -5.21
CA ILE A 691 -27.47 22.76 -4.49
C ILE A 691 -26.79 23.84 -5.33
N ILE A 692 -26.48 23.51 -6.58
CA ILE A 692 -25.86 24.45 -7.50
C ILE A 692 -26.70 25.74 -7.66
N THR A 693 -27.92 25.62 -8.15
CA THR A 693 -28.74 26.79 -8.43
C THR A 693 -28.99 27.62 -7.16
N SER A 694 -28.81 27.00 -6.01
CA SER A 694 -28.97 27.73 -4.76
C SER A 694 -27.86 28.76 -4.56
N VAL A 695 -26.72 28.60 -5.23
CA VAL A 695 -25.60 29.52 -5.00
C VAL A 695 -25.03 30.15 -6.26
N SER A 696 -25.53 29.76 -7.42
CA SER A 696 -24.96 30.27 -8.67
C SER A 696 -26.01 30.88 -9.59
N VAL A 697 -26.04 32.20 -9.65
CA VAL A 697 -26.93 32.87 -10.57
C VAL A 697 -26.57 32.52 -12.02
N LYS A 698 -25.28 32.36 -12.29
CA LYS A 698 -24.83 32.06 -13.64
C LYS A 698 -25.36 30.70 -14.09
N CYS A 699 -25.48 29.77 -13.15
CA CYS A 699 -25.95 28.42 -13.45
C CYS A 699 -27.42 28.37 -13.77
N CYS A 700 -28.22 29.15 -13.04
CA CYS A 700 -29.63 29.32 -13.34
C CYS A 700 -29.82 29.85 -14.75
N GLU A 701 -28.93 30.73 -15.18
CA GLU A 701 -28.96 31.19 -16.56
C GLU A 701 -28.66 30.07 -17.56
N LYS A 702 -27.65 29.24 -17.26
CA LYS A 702 -27.26 28.16 -18.18
C LYS A 702 -28.40 27.18 -18.44
N ILE A 703 -29.32 27.08 -17.48
CA ILE A 703 -30.48 26.19 -17.61
C ILE A 703 -31.43 26.71 -18.65
N LEU A 704 -31.62 28.02 -18.65
CA LEU A 704 -32.51 28.67 -19.60
C LEU A 704 -31.92 28.61 -21.00
N ALA A 705 -30.63 28.34 -21.08
CA ALA A 705 -29.95 28.19 -22.36
C ALA A 705 -30.09 26.78 -22.96
N ILE A 706 -30.77 25.88 -22.24
CA ILE A 706 -30.89 24.49 -22.67
C ILE A 706 -32.02 24.28 -23.66
N ALA A 707 -31.72 23.57 -24.74
CA ALA A 707 -32.72 23.13 -25.69
C ALA A 707 -33.93 22.55 -24.97
N SER A 708 -35.03 23.30 -24.95
CA SER A 708 -36.28 22.81 -24.36
C SER A 708 -36.10 22.49 -22.87
N TRP A 709 -35.69 23.51 -22.12
CA TRP A 709 -35.55 23.41 -20.69
C TRP A 709 -36.92 23.32 -20.06
N LEU A 710 -37.91 23.95 -20.69
CA LEU A 710 -39.26 23.89 -20.12
C LEU A 710 -39.77 22.44 -20.06
N ASP A 711 -39.50 21.66 -21.09
CA ASP A 711 -39.88 20.25 -21.08
C ASP A 711 -39.25 19.58 -19.85
N ILE A 712 -37.95 19.82 -19.66
CA ILE A 712 -37.23 19.33 -18.48
C ILE A 712 -37.88 19.74 -17.16
N LEU A 713 -38.25 21.01 -17.03
CA LEU A 713 -38.88 21.48 -15.79
C LEU A 713 -40.29 20.91 -15.56
N HIS A 714 -41.05 20.66 -16.62
CA HIS A 714 -42.33 19.98 -16.47
C HIS A 714 -42.13 18.60 -15.86
N THR A 715 -41.21 17.81 -16.42
CA THR A 715 -40.86 16.51 -15.92
C THR A 715 -40.55 16.52 -14.43
N LEU A 716 -39.81 17.54 -13.99
CA LEU A 716 -39.51 17.66 -12.56
C LEU A 716 -40.75 17.92 -11.74
N ILE A 717 -41.48 18.99 -12.05
CA ILE A 717 -42.68 19.34 -11.28
C ILE A 717 -43.65 18.18 -11.11
N ALA A 718 -43.83 17.38 -12.17
CA ALA A 718 -44.80 16.29 -12.13
C ALA A 718 -44.15 14.93 -11.89
N ASN A 719 -42.95 14.92 -11.33
CA ASN A 719 -42.28 13.66 -11.16
C ASN A 719 -43.01 12.80 -10.16
N PRO A 720 -43.19 11.52 -10.50
CA PRO A 720 -43.81 10.54 -9.61
C PRO A 720 -43.00 10.33 -8.33
N SER A 721 -41.68 10.45 -8.42
CA SER A 721 -40.81 10.34 -7.25
C SER A 721 -40.96 11.56 -6.36
N PRO A 722 -41.57 11.40 -5.18
CA PRO A 722 -41.77 12.56 -4.31
C PRO A 722 -40.47 13.23 -3.97
N ALA A 723 -39.38 12.47 -3.96
CA ALA A 723 -38.04 13.03 -3.71
C ALA A 723 -37.54 13.90 -4.86
N VAL A 724 -37.70 13.42 -6.08
CA VAL A 724 -37.20 14.16 -7.21
C VAL A 724 -37.95 15.47 -7.32
N GLN A 725 -39.27 15.37 -7.31
CA GLN A 725 -40.11 16.56 -7.39
C GLN A 725 -39.81 17.56 -6.28
N HIS A 726 -39.59 17.10 -5.08
CA HIS A 726 -39.15 18.04 -4.07
C HIS A 726 -37.84 18.74 -4.50
N ARG A 727 -36.80 17.98 -4.83
CA ARG A 727 -35.57 18.60 -5.32
C ARG A 727 -35.81 19.50 -6.55
N GLY A 728 -36.80 19.15 -7.35
CA GLY A 728 -37.05 19.85 -8.62
C GLY A 728 -37.68 21.21 -8.44
N ILE A 729 -38.66 21.28 -7.54
CA ILE A 729 -39.35 22.52 -7.30
C ILE A 729 -38.42 23.44 -6.53
N VAL A 730 -37.53 22.86 -5.74
CA VAL A 730 -36.48 23.66 -5.11
C VAL A 730 -35.58 24.36 -6.14
N ILE A 731 -35.21 23.64 -7.21
CA ILE A 731 -34.47 24.24 -8.31
C ILE A 731 -35.21 25.46 -8.87
N ILE A 732 -36.50 25.29 -9.14
CA ILE A 732 -37.30 26.37 -9.67
C ILE A 732 -37.34 27.60 -8.76
N LEU A 733 -37.43 27.39 -7.46
CA LEU A 733 -37.39 28.52 -6.53
C LEU A 733 -36.04 29.26 -6.63
N ASN A 734 -34.97 28.48 -6.62
CA ASN A 734 -33.64 29.01 -6.74
C ASN A 734 -33.46 29.89 -7.96
N MET A 735 -34.11 29.51 -9.05
CA MET A 735 -34.07 30.31 -10.26
C MET A 735 -34.91 31.58 -10.12
N ILE A 736 -36.13 31.43 -9.62
CA ILE A 736 -37.01 32.58 -9.40
C ILE A 736 -36.30 33.67 -8.60
N ASN A 737 -35.71 33.28 -7.48
CA ASN A 737 -34.94 34.18 -6.62
C ASN A 737 -33.63 34.72 -7.22
N ALA A 738 -33.16 34.12 -8.30
CA ALA A 738 -31.85 34.47 -8.85
C ALA A 738 -31.79 35.84 -9.54
N GLY A 739 -32.91 36.34 -10.05
CA GLY A 739 -32.92 37.62 -10.76
C GLY A 739 -34.17 37.79 -11.59
N GLU A 740 -34.67 39.02 -11.68
CA GLU A 740 -35.98 39.27 -12.31
C GLU A 740 -36.04 38.75 -13.73
N GLU A 741 -34.93 38.76 -14.43
CA GLU A 741 -35.01 38.38 -15.82
C GLU A 741 -35.03 36.87 -16.08
N ILE A 742 -34.55 36.11 -15.10
CA ILE A 742 -34.70 34.66 -15.11
C ILE A 742 -36.14 34.34 -14.68
N ALA A 743 -36.54 34.93 -13.56
CA ALA A 743 -37.90 34.79 -13.06
C ALA A 743 -38.93 35.10 -14.13
N LYS A 744 -38.64 36.07 -14.99
CA LYS A 744 -39.59 36.47 -16.01
C LYS A 744 -39.75 35.42 -17.11
N LYS A 745 -38.65 34.83 -17.57
CA LYS A 745 -38.75 33.74 -18.55
C LYS A 745 -39.66 32.64 -18.01
N LEU A 746 -39.57 32.40 -16.71
CA LEU A 746 -40.37 31.39 -16.03
C LEU A 746 -41.86 31.73 -15.95
N PHE A 747 -42.16 32.98 -15.61
CA PHE A 747 -43.53 33.44 -15.41
C PHE A 747 -44.33 33.46 -16.71
N GLU A 748 -43.60 33.48 -17.82
CA GLU A 748 -44.19 33.47 -19.15
C GLU A 748 -44.77 32.09 -19.52
N THR A 749 -44.45 31.07 -18.73
CA THR A 749 -44.95 29.73 -19.03
C THR A 749 -45.96 29.27 -18.00
N ASP A 750 -46.52 28.09 -18.24
CA ASP A 750 -47.57 27.56 -17.37
C ASP A 750 -47.03 27.10 -16.01
N ILE A 751 -45.72 27.15 -15.82
CA ILE A 751 -45.13 26.73 -14.55
C ILE A 751 -45.80 27.34 -13.32
N MET A 752 -46.03 28.64 -13.30
CA MET A 752 -46.61 29.22 -12.10
C MET A 752 -48.01 28.67 -11.87
N GLU A 753 -48.72 28.37 -12.95
CA GLU A 753 -50.07 27.82 -12.84
C GLU A 753 -49.97 26.42 -12.22
N LEU A 754 -49.20 25.55 -12.89
CA LEU A 754 -48.87 24.23 -12.39
C LEU A 754 -48.60 24.22 -10.87
N LEU A 755 -47.68 25.08 -10.42
CA LEU A 755 -47.20 25.12 -9.03
C LEU A 755 -48.25 25.61 -8.03
N SER A 756 -49.23 26.34 -8.54
CA SER A 756 -50.29 26.83 -7.68
C SER A 756 -51.22 25.67 -7.31
N GLY A 757 -51.00 24.51 -7.90
CA GLY A 757 -51.81 23.34 -7.60
C GLY A 757 -51.32 22.60 -6.36
N LEU A 758 -50.02 22.68 -6.11
CA LEU A 758 -49.38 22.08 -4.94
C LEU A 758 -49.55 22.96 -3.69
N GLY A 759 -50.76 23.37 -3.37
CA GLY A 759 -50.96 24.23 -2.21
C GLY A 759 -50.47 23.64 -0.90
N GLN A 760 -50.19 24.51 0.07
CA GLN A 760 -49.74 24.06 1.40
C GLN A 760 -50.65 23.00 2.02
N LEU A 761 -50.05 22.01 2.68
CA LEU A 761 -50.80 20.90 3.25
C LEU A 761 -49.88 20.04 4.11
N PRO A 762 -49.65 20.45 5.37
CA PRO A 762 -48.61 19.94 6.26
C PRO A 762 -48.48 18.40 6.37
N ASP A 763 -49.59 17.67 6.42
CA ASP A 763 -49.50 16.23 6.69
C ASP A 763 -49.41 15.31 5.45
N ASP A 764 -49.18 15.91 4.30
CA ASP A 764 -49.19 15.18 3.05
C ASP A 764 -47.86 14.47 2.79
N THR A 765 -47.87 13.46 1.92
CA THR A 765 -46.65 12.81 1.49
C THR A 765 -45.75 13.83 0.80
N ARG A 766 -46.39 14.81 0.16
CA ARG A 766 -45.66 15.84 -0.57
C ARG A 766 -45.60 17.16 0.19
N ALA A 767 -45.69 17.14 1.51
CA ALA A 767 -45.70 18.40 2.26
C ALA A 767 -44.53 19.30 1.88
N LYS A 768 -43.33 18.73 1.79
CA LYS A 768 -42.14 19.52 1.49
C LYS A 768 -42.23 20.25 0.17
N ALA A 769 -42.57 19.52 -0.89
CA ALA A 769 -42.78 20.11 -2.22
C ALA A 769 -43.83 21.22 -2.20
N ARG A 770 -44.94 20.95 -1.53
CA ARG A 770 -45.98 21.94 -1.37
C ARG A 770 -45.44 23.21 -0.70
N GLU A 771 -44.52 23.03 0.24
CA GLU A 771 -44.00 24.17 0.97
C GLU A 771 -43.18 25.02 0.01
N VAL A 772 -42.23 24.38 -0.68
CA VAL A 772 -41.38 25.08 -1.63
C VAL A 772 -42.20 25.73 -2.71
N ALA A 773 -43.24 25.05 -3.18
CA ALA A 773 -44.11 25.61 -4.20
C ALA A 773 -44.84 26.86 -3.71
N THR A 774 -45.35 26.81 -2.49
CA THR A 774 -46.00 27.98 -1.95
C THR A 774 -45.07 29.19 -1.96
N GLN A 775 -43.81 28.97 -1.58
CA GLN A 775 -42.78 30.02 -1.56
C GLN A 775 -42.39 30.50 -2.95
N CYS A 776 -42.63 29.66 -3.95
CA CYS A 776 -42.41 30.00 -5.34
C CYS A 776 -43.43 31.02 -5.77
N LEU A 777 -44.68 30.77 -5.42
CA LEU A 777 -45.75 31.69 -5.73
C LEU A 777 -45.50 33.03 -5.03
N ALA A 778 -45.16 32.96 -3.76
CA ALA A 778 -44.88 34.13 -2.93
C ALA A 778 -43.73 34.97 -3.48
N ALA A 779 -42.70 34.33 -4.00
CA ALA A 779 -41.60 35.05 -4.61
C ALA A 779 -42.11 35.82 -5.82
N ALA A 780 -42.98 35.19 -6.60
CA ALA A 780 -43.51 35.83 -7.80
C ALA A 780 -44.41 36.98 -7.43
N GLU A 781 -44.77 37.06 -6.15
CA GLU A 781 -45.55 38.18 -5.65
C GLU A 781 -44.63 39.37 -5.40
N ARG A 782 -43.58 39.18 -4.61
CA ARG A 782 -42.58 40.25 -4.40
C ARG A 782 -42.27 40.99 -5.70
N TYR A 783 -42.00 40.22 -6.75
CA TYR A 783 -41.72 40.78 -8.08
C TYR A 783 -42.86 41.65 -8.62
N ARG A 784 -44.10 41.17 -8.53
CA ARG A 784 -45.22 41.91 -9.11
C ARG A 784 -45.47 43.27 -8.43
N ILE A 785 -45.20 43.33 -7.12
CA ILE A 785 -45.28 44.59 -6.35
C ILE A 785 -44.35 45.70 -6.89
N ILE A 786 -43.59 45.36 -7.94
CA ILE A 786 -42.54 46.22 -8.46
C ILE A 786 -42.55 46.28 -10.00
#